data_6H2Q
#
_entry.id   6H2Q
#
_cell.length_a   103.559
_cell.length_b   106.661
_cell.length_c   217.432
_cell.angle_alpha   90.000
_cell.angle_beta   90.000
_cell.angle_gamma   90.000
#
_symmetry.space_group_name_H-M   'C 2 2 21'
#
loop_
_entity.id
_entity.type
_entity.pdbx_description
1 polymer 'Xaa-Pro dipeptidase'
2 non-polymer 'MANGANESE (II) ION'
3 non-polymer GLYCEROL
4 non-polymer LEUCINE
5 non-polymer PROLINE
6 water water
#
_entity_poly.entity_id   1
_entity_poly.type   'polypeptide(L)'
_entity_poly.pdbx_seq_one_letter_code
;MAAATGPSFWLGNETLKVPLALFALNRQRLCERLRKNPAVQAGSIVVLQGGEETQRYCTDTGVLFRQESFFHWAFGVTEP
GCYGVIDVDTGKSTLFVPRLPASHATWMGKIHSKEHFKEKYAVDDVQYVDEIASVLTSQKPSVLLTLRGVNTDSGSVCRE
ASFDGISKFEVNNTILHPEIVECQVFKTDMELEVLRYTNKISSEAHREVMKAVKVGMKEYELESLFEHYCYSRGGMRHSS
YTCICGSGENSAVLHYGHAGAPNDRTIQNGDMCLFDMGGEYYCFASDITCSFPANGKFTADQKAVYEAVLRSSRAVMGAM
KPGVWWPDMHRLADRIHLEELAHMGILSGSVDAMVQAHLGAVFMPHGLGHFLGIDVHDVGGYPEGVERIDEPGLRSLRTA
RHLQPGMVLTVEPGIYFIDHLLDEALADPARASFLNREVLQRFRGFGGVRIEEDVVVTDSGIELLTCVPRTVEEIEACMA
GCDKAFTPFSGPK
;
_entity_poly.pdbx_strand_id   A,B
#
loop_
_chem_comp.id
_chem_comp.type
_chem_comp.name
_chem_comp.formula
GOL non-polymer GLYCEROL 'C3 H8 O3'
MN non-polymer 'MANGANESE (II) ION' 'Mn 2'
#
# COMPACT_ATOMS: atom_id res chain seq x y z
N GLY A 6 -17.52 -26.81 6.23
CA GLY A 6 -17.86 -25.48 5.77
C GLY A 6 -16.82 -24.92 4.82
N PRO A 7 -17.04 -23.68 4.35
CA PRO A 7 -16.14 -23.02 3.40
C PRO A 7 -14.86 -22.51 4.07
N SER A 8 -13.85 -22.26 3.25
CA SER A 8 -12.57 -21.77 3.76
CA SER A 8 -12.56 -21.78 3.74
C SER A 8 -11.97 -20.73 2.80
N PHE A 9 -11.22 -19.81 3.37
CA PHE A 9 -10.41 -18.87 2.61
C PHE A 9 -9.13 -19.61 2.23
N TRP A 10 -8.68 -19.45 0.99
CA TRP A 10 -7.50 -20.14 0.51
C TRP A 10 -6.96 -19.43 -0.73
N LEU A 11 -5.64 -19.29 -0.80
CA LEU A 11 -5.02 -18.75 -2.00
C LEU A 11 -4.20 -19.82 -2.72
N GLY A 12 -4.61 -21.07 -2.57
CA GLY A 12 -4.07 -22.17 -3.34
C GLY A 12 -2.65 -22.57 -2.96
N ASN A 13 -2.03 -23.39 -3.83
CA ASN A 13 -0.67 -23.85 -3.61
C ASN A 13 -0.51 -24.41 -2.19
N GLU A 14 0.42 -23.86 -1.41
CA GLU A 14 0.67 -24.33 -0.06
C GLU A 14 0.16 -23.36 0.99
N THR A 15 -0.71 -22.44 0.60
CA THR A 15 -1.21 -21.46 1.54
C THR A 15 -2.24 -22.10 2.48
N LEU A 16 -2.51 -21.41 3.59
CA LEU A 16 -3.39 -21.93 4.63
C LEU A 16 -4.87 -21.81 4.27
N LYS A 17 -5.59 -22.90 4.46
CA LYS A 17 -7.05 -22.88 4.40
C LYS A 17 -7.58 -22.41 5.74
N VAL A 18 -8.23 -21.25 5.74
CA VAL A 18 -8.82 -20.68 6.95
C VAL A 18 -10.34 -20.85 6.92
N PRO A 19 -10.87 -21.69 7.82
CA PRO A 19 -12.32 -21.90 7.80
C PRO A 19 -13.10 -20.64 8.17
N LEU A 20 -14.20 -20.38 7.47
CA LEU A 20 -15.03 -19.23 7.80
C LEU A 20 -15.72 -19.43 9.16
N ALA A 21 -15.71 -20.67 9.64
CA ALA A 21 -16.18 -20.97 10.99
C ALA A 21 -15.41 -20.15 12.03
N LEU A 22 -14.19 -19.76 11.72
CA LEU A 22 -13.39 -18.90 12.61
C LEU A 22 -14.20 -17.66 12.99
N PHE A 23 -14.77 -17.00 12.00
CA PHE A 23 -15.46 -15.74 12.24
C PHE A 23 -16.83 -15.98 12.87
N ALA A 24 -17.44 -17.12 12.54
CA ALA A 24 -18.69 -17.52 13.19
C ALA A 24 -18.49 -17.68 14.69
N LEU A 25 -17.36 -18.28 15.07
CA LEU A 25 -17.03 -18.47 16.47
C LEU A 25 -16.86 -17.12 17.16
N ASN A 26 -16.17 -16.20 16.50
CA ASN A 26 -16.00 -14.86 17.04
C ASN A 26 -17.35 -14.18 17.29
N ARG A 27 -18.25 -14.29 16.32
CA ARG A 27 -19.57 -13.68 16.48
C ARG A 27 -20.29 -14.29 17.69
N GLN A 28 -20.24 -15.62 17.81
CA GLN A 28 -20.86 -16.32 18.92
C GLN A 28 -20.27 -15.86 20.26
N ARG A 29 -18.95 -15.79 20.32
CA ARG A 29 -18.25 -15.37 21.54
C ARG A 29 -18.64 -13.95 21.94
N LEU A 30 -18.76 -13.07 20.95
CA LEU A 30 -19.17 -11.71 21.19
C LEU A 30 -20.58 -11.66 21.78
N CYS A 31 -21.49 -12.40 21.18
CA CYS A 31 -22.86 -12.45 21.66
C CYS A 31 -22.92 -12.99 23.09
N GLU A 32 -22.21 -14.08 23.33
CA GLU A 32 -22.18 -14.70 24.65
C GLU A 32 -21.68 -13.71 25.71
N ARG A 33 -20.65 -12.94 25.38
CA ARG A 33 -20.19 -11.89 26.29
C ARG A 33 -21.24 -10.79 26.48
N LEU A 34 -21.88 -10.35 25.40
CA LEU A 34 -22.85 -9.27 25.49
C LEU A 34 -24.08 -9.66 26.32
N ARG A 35 -24.48 -10.93 26.25
CA ARG A 35 -25.66 -11.41 26.97
C ARG A 35 -25.45 -11.37 28.48
N LYS A 36 -24.19 -11.42 28.91
CA LYS A 36 -23.84 -11.35 30.34
C LYS A 36 -23.65 -9.91 30.82
N ASN A 37 -23.65 -8.98 29.88
CA ASN A 37 -23.46 -7.57 30.19
C ASN A 37 -24.76 -6.95 30.69
N PRO A 38 -24.80 -6.43 31.93
CA PRO A 38 -26.04 -5.87 32.47
C PRO A 38 -26.59 -4.68 31.68
N ALA A 39 -25.74 -4.04 30.88
CA ALA A 39 -26.18 -2.87 30.12
C ALA A 39 -26.89 -3.28 28.82
N VAL A 40 -26.90 -4.58 28.52
CA VAL A 40 -27.47 -5.07 27.26
C VAL A 40 -28.87 -5.63 27.47
N GLN A 41 -29.83 -5.11 26.71
CA GLN A 41 -31.21 -5.56 26.78
C GLN A 41 -31.56 -6.47 25.62
N ALA A 42 -32.65 -7.21 25.76
CA ALA A 42 -33.09 -8.12 24.73
C ALA A 42 -33.39 -7.34 23.45
N GLY A 43 -33.29 -8.01 22.31
CA GLY A 43 -33.60 -7.41 21.03
C GLY A 43 -32.53 -6.49 20.47
N SER A 44 -31.33 -6.55 21.04
CA SER A 44 -30.24 -5.70 20.59
C SER A 44 -29.60 -6.28 19.35
N ILE A 45 -29.09 -5.39 18.50
CA ILE A 45 -28.41 -5.80 17.28
C ILE A 45 -27.07 -5.06 17.15
N VAL A 46 -26.01 -5.82 16.99
CA VAL A 46 -24.69 -5.25 16.75
C VAL A 46 -24.64 -4.79 15.30
N VAL A 47 -24.24 -3.55 15.05
CA VAL A 47 -24.12 -3.03 13.70
C VAL A 47 -22.70 -2.53 13.43
N LEU A 48 -22.05 -3.19 12.48
CA LEU A 48 -20.69 -2.84 12.05
C LEU A 48 -20.67 -2.40 10.59
N GLN A 49 -19.80 -1.44 10.29
CA GLN A 49 -19.60 -0.95 8.94
C GLN A 49 -18.21 -1.34 8.45
N GLY A 50 -18.13 -1.99 7.30
CA GLY A 50 -16.85 -2.39 6.74
C GLY A 50 -16.12 -1.22 6.11
N GLY A 51 -14.85 -1.42 5.77
CA GLY A 51 -14.10 -0.40 5.07
C GLY A 51 -14.64 -0.18 3.68
N GLU A 52 -14.38 0.99 3.13
CA GLU A 52 -14.76 1.35 1.76
C GLU A 52 -13.51 1.46 0.90
N GLU A 53 -13.65 1.31 -0.41
CA GLU A 53 -12.53 1.47 -1.32
CA GLU A 53 -12.49 1.45 -1.28
C GLU A 53 -12.08 2.92 -1.32
N THR A 54 -10.78 3.16 -1.47
CA THR A 54 -10.24 4.51 -1.50
C THR A 54 -9.29 4.70 -2.68
N GLN A 55 -8.97 5.95 -2.95
CA GLN A 55 -7.99 6.30 -3.98
CA GLN A 55 -7.98 6.29 -3.97
C GLN A 55 -6.93 7.23 -3.40
N ARG A 56 -5.81 7.36 -4.10
CA ARG A 56 -4.81 8.32 -3.71
C ARG A 56 -5.34 9.74 -3.89
N TYR A 57 -5.53 10.44 -2.78
CA TYR A 57 -5.89 11.85 -2.79
C TYR A 57 -7.10 12.05 -3.70
N CYS A 58 -7.04 13.04 -4.60
CA CYS A 58 -8.16 13.29 -5.52
C CYS A 58 -8.02 12.55 -6.86
N THR A 59 -7.03 11.66 -6.95
CA THR A 59 -6.76 10.94 -8.20
C THR A 59 -7.72 9.79 -8.39
N ASP A 60 -7.61 9.11 -9.54
CA ASP A 60 -8.45 7.93 -9.71
CA ASP A 60 -8.38 7.94 -9.91
C ASP A 60 -7.60 6.66 -9.60
N THR A 61 -6.46 6.80 -8.93
CA THR A 61 -5.59 5.67 -8.62
C THR A 61 -6.09 4.92 -7.40
N GLY A 62 -6.57 3.71 -7.60
CA GLY A 62 -7.13 2.93 -6.51
C GLY A 62 -6.04 2.48 -5.54
N VAL A 63 -6.37 2.53 -4.26
CA VAL A 63 -5.55 1.96 -3.23
C VAL A 63 -6.02 0.54 -2.96
N LEU A 64 -5.09 -0.41 -2.85
CA LEU A 64 -5.45 -1.80 -2.61
C LEU A 64 -6.20 -1.89 -1.29
N PHE A 65 -7.39 -2.49 -1.34
CA PHE A 65 -8.28 -2.47 -0.18
C PHE A 65 -7.92 -3.53 0.83
N ARG A 66 -7.79 -3.11 2.09
CA ARG A 66 -7.57 -4.00 3.22
C ARG A 66 -8.68 -3.74 4.25
N GLN A 67 -9.37 -4.79 4.67
CA GLN A 67 -10.56 -4.66 5.50
C GLN A 67 -10.24 -4.05 6.87
N GLU A 68 -11.20 -3.29 7.39
CA GLU A 68 -11.14 -2.75 8.74
C GLU A 68 -11.12 -3.90 9.75
N SER A 69 -10.33 -3.74 10.81
CA SER A 69 -9.96 -4.87 11.65
C SER A 69 -11.11 -5.45 12.48
N PHE A 70 -11.94 -4.60 13.07
CA PHE A 70 -13.09 -5.09 13.83
C PHE A 70 -14.05 -5.85 12.92
N PHE A 71 -14.29 -5.31 11.73
CA PHE A 71 -15.20 -5.95 10.78
C PHE A 71 -14.64 -7.29 10.32
N HIS A 72 -13.33 -7.34 10.07
CA HIS A 72 -12.71 -8.60 9.68
C HIS A 72 -12.84 -9.64 10.77
N TRP A 73 -12.58 -9.25 12.01
CA TRP A 73 -12.65 -10.16 13.15
C TRP A 73 -14.02 -10.83 13.23
N ALA A 74 -15.04 -10.05 12.93
CA ALA A 74 -16.43 -10.51 13.03
C ALA A 74 -16.92 -11.30 11.80
N PHE A 75 -16.47 -10.92 10.61
CA PHE A 75 -17.03 -11.46 9.37
C PHE A 75 -16.03 -12.01 8.34
N GLY A 76 -14.77 -11.59 8.41
CA GLY A 76 -13.76 -12.06 7.49
C GLY A 76 -14.01 -11.69 6.03
N VAL A 77 -14.70 -10.58 5.81
CA VAL A 77 -15.12 -10.16 4.47
C VAL A 77 -14.02 -9.33 3.80
N THR A 78 -13.70 -9.71 2.57
CA THR A 78 -12.62 -9.07 1.80
C THR A 78 -13.09 -7.96 0.88
N GLU A 79 -14.38 -7.93 0.58
CA GLU A 79 -14.93 -6.92 -0.33
C GLU A 79 -15.19 -5.58 0.36
N PRO A 80 -14.92 -4.46 -0.34
CA PRO A 80 -15.22 -3.15 0.20
C PRO A 80 -16.71 -2.80 0.16
N GLY A 81 -17.15 -1.89 1.03
CA GLY A 81 -18.48 -1.31 0.97
C GLY A 81 -19.57 -2.09 1.68
N CYS A 82 -19.21 -3.04 2.54
CA CYS A 82 -20.19 -3.86 3.23
C CYS A 82 -20.57 -3.32 4.61
N TYR A 83 -21.66 -3.87 5.13
CA TYR A 83 -22.02 -3.74 6.54
C TYR A 83 -22.31 -5.15 7.05
N GLY A 84 -22.32 -5.30 8.37
CA GLY A 84 -22.64 -6.59 8.97
C GLY A 84 -23.36 -6.36 10.28
N VAL A 85 -24.41 -7.14 10.53
CA VAL A 85 -25.15 -7.02 11.77
C VAL A 85 -25.29 -8.39 12.42
N ILE A 86 -25.43 -8.39 13.74
CA ILE A 86 -25.53 -9.62 14.51
C ILE A 86 -26.62 -9.44 15.54
N ASP A 87 -27.59 -10.34 15.55
CA ASP A 87 -28.66 -10.33 16.53
C ASP A 87 -28.13 -10.97 17.81
N VAL A 88 -28.02 -10.18 18.86
CA VAL A 88 -27.38 -10.63 20.09
C VAL A 88 -28.07 -11.85 20.70
N ASP A 89 -29.40 -11.82 20.75
CA ASP A 89 -30.14 -12.89 21.42
C ASP A 89 -29.99 -14.23 20.72
N THR A 90 -29.96 -14.23 19.40
CA THR A 90 -29.93 -15.47 18.63
C THR A 90 -28.57 -15.75 17.99
N GLY A 91 -27.74 -14.74 17.85
CA GLY A 91 -26.47 -14.88 17.17
C GLY A 91 -26.59 -14.85 15.65
N LYS A 92 -27.80 -14.66 15.14
CA LYS A 92 -28.02 -14.62 13.68
C LYS A 92 -27.25 -13.48 13.03
N SER A 93 -26.52 -13.79 11.95
CA SER A 93 -25.69 -12.81 11.27
C SER A 93 -26.21 -12.47 9.89
N THR A 94 -26.24 -11.18 9.58
CA THR A 94 -26.60 -10.71 8.24
C THR A 94 -25.50 -9.83 7.66
N LEU A 95 -25.03 -10.22 6.48
CA LEU A 95 -24.06 -9.45 5.71
C LEU A 95 -24.77 -8.59 4.67
N PHE A 96 -24.44 -7.30 4.64
CA PHE A 96 -24.93 -6.40 3.61
C PHE A 96 -23.83 -6.11 2.60
N VAL A 97 -24.11 -6.41 1.33
CA VAL A 97 -23.14 -6.21 0.24
C VAL A 97 -23.62 -5.11 -0.74
N PRO A 98 -22.67 -4.44 -1.40
CA PRO A 98 -23.06 -3.35 -2.30
C PRO A 98 -23.87 -3.87 -3.47
N ARG A 99 -24.85 -3.08 -3.89
CA ARG A 99 -25.63 -3.37 -5.08
C ARG A 99 -24.88 -2.75 -6.25
N LEU A 100 -24.28 -3.58 -7.09
CA LEU A 100 -23.30 -3.08 -8.07
C LEU A 100 -23.92 -2.69 -9.40
N PRO A 101 -23.33 -1.67 -10.07
CA PRO A 101 -23.79 -1.30 -11.41
C PRO A 101 -23.39 -2.36 -12.43
N ALA A 102 -24.14 -2.43 -13.53
CA ALA A 102 -23.90 -3.44 -14.54
C ALA A 102 -22.48 -3.36 -15.09
N SER A 103 -21.97 -2.14 -15.18
CA SER A 103 -20.65 -1.89 -15.76
C SER A 103 -19.52 -2.52 -14.92
N HIS A 104 -19.84 -2.90 -13.70
CA HIS A 104 -18.88 -3.57 -12.84
C HIS A 104 -18.41 -4.86 -13.51
N ALA A 105 -19.32 -5.47 -14.27
CA ALA A 105 -19.05 -6.72 -14.96
C ALA A 105 -17.94 -6.54 -15.98
N THR A 106 -17.89 -5.36 -16.59
CA THR A 106 -16.90 -5.05 -17.59
C THR A 106 -15.54 -4.77 -16.93
N TRP A 107 -15.54 -3.94 -15.90
CA TRP A 107 -14.30 -3.36 -15.37
C TRP A 107 -13.68 -4.08 -14.18
N MET A 108 -14.54 -4.65 -13.32
CA MET A 108 -14.11 -5.18 -12.02
CA MET A 108 -14.08 -5.19 -12.03
C MET A 108 -14.34 -6.68 -11.89
N GLY A 109 -15.35 -7.19 -12.60
CA GLY A 109 -15.58 -8.63 -12.62
C GLY A 109 -17.00 -9.05 -12.31
N LYS A 110 -17.17 -10.37 -12.19
CA LYS A 110 -18.47 -11.00 -11.99
C LYS A 110 -19.28 -10.31 -10.90
N ILE A 111 -20.54 -10.04 -11.18
CA ILE A 111 -21.43 -9.50 -10.17
C ILE A 111 -22.07 -10.67 -9.47
N HIS A 112 -21.50 -11.02 -8.32
CA HIS A 112 -21.92 -12.19 -7.58
C HIS A 112 -23.31 -12.00 -6.98
N SER A 113 -24.05 -13.09 -6.86
CA SER A 113 -25.36 -13.07 -6.25
C SER A 113 -25.26 -12.96 -4.73
N LYS A 114 -26.35 -12.57 -4.08
CA LYS A 114 -26.36 -12.57 -2.61
C LYS A 114 -26.13 -13.96 -2.07
N GLU A 115 -26.68 -14.96 -2.75
CA GLU A 115 -26.53 -16.35 -2.35
C GLU A 115 -25.06 -16.77 -2.42
N HIS A 116 -24.35 -16.27 -3.41
CA HIS A 116 -22.92 -16.52 -3.51
C HIS A 116 -22.21 -16.09 -2.23
N PHE A 117 -22.49 -14.88 -1.78
CA PHE A 117 -21.83 -14.35 -0.59
C PHE A 117 -22.25 -15.09 0.67
N LYS A 118 -23.51 -15.51 0.74
CA LYS A 118 -23.98 -16.26 1.89
C LYS A 118 -23.23 -17.58 1.99
N GLU A 119 -23.05 -18.24 0.86
CA GLU A 119 -22.33 -19.51 0.83
C GLU A 119 -20.84 -19.28 1.11
N LYS A 120 -20.31 -18.18 0.60
CA LYS A 120 -18.89 -17.86 0.74
C LYS A 120 -18.51 -17.61 2.19
N TYR A 121 -19.34 -16.85 2.90
CA TYR A 121 -19.00 -16.37 4.25
C TYR A 121 -19.72 -17.12 5.37
N ALA A 122 -20.62 -18.02 4.99
CA ALA A 122 -21.37 -18.84 5.94
C ALA A 122 -22.08 -17.99 6.99
N VAL A 123 -22.72 -16.93 6.52
CA VAL A 123 -23.61 -16.13 7.35
C VAL A 123 -25.06 -16.59 7.16
N ASP A 124 -25.95 -16.09 8.00
CA ASP A 124 -27.32 -16.60 7.99
C ASP A 124 -28.17 -15.95 6.91
N ASP A 125 -27.82 -14.71 6.56
CA ASP A 125 -28.56 -13.97 5.54
C ASP A 125 -27.66 -12.96 4.83
N VAL A 126 -28.00 -12.64 3.59
CA VAL A 126 -27.31 -11.59 2.85
C VAL A 126 -28.31 -10.66 2.21
N GLN A 127 -28.05 -9.37 2.33
CA GLN A 127 -28.92 -8.35 1.77
C GLN A 127 -28.08 -7.27 1.11
N TYR A 128 -28.72 -6.38 0.35
CA TYR A 128 -28.01 -5.26 -0.24
C TYR A 128 -27.91 -4.10 0.75
N VAL A 129 -26.79 -3.38 0.70
CA VAL A 129 -26.51 -2.29 1.61
C VAL A 129 -27.61 -1.23 1.65
N ASP A 130 -28.19 -0.88 0.50
CA ASP A 130 -29.22 0.16 0.48
C ASP A 130 -30.50 -0.28 1.23
N GLU A 131 -30.61 -1.56 1.54
CA GLU A 131 -31.80 -2.06 2.24
C GLU A 131 -31.63 -2.15 3.75
N ILE A 132 -30.49 -1.67 4.27
CA ILE A 132 -30.17 -1.92 5.68
C ILE A 132 -31.26 -1.31 6.60
N ALA A 133 -31.68 -0.07 6.35
CA ALA A 133 -32.73 0.54 7.18
C ALA A 133 -34.03 -0.26 7.18
N SER A 134 -34.46 -0.69 6.00
CA SER A 134 -35.68 -1.48 5.87
C SER A 134 -35.57 -2.80 6.61
N VAL A 135 -34.45 -3.49 6.41
CA VAL A 135 -34.25 -4.81 7.00
C VAL A 135 -34.20 -4.71 8.53
N LEU A 136 -33.47 -3.73 9.05
CA LEU A 136 -33.39 -3.58 10.49
C LEU A 136 -34.75 -3.17 11.07
N THR A 137 -35.47 -2.30 10.36
CA THR A 137 -36.80 -1.88 10.80
C THR A 137 -37.70 -3.08 11.00
N SER A 138 -37.71 -3.99 10.03
CA SER A 138 -38.58 -5.15 10.08
C SER A 138 -38.25 -6.07 11.26
N GLN A 139 -37.03 -5.96 11.77
CA GLN A 139 -36.59 -6.81 12.88
C GLN A 139 -36.98 -6.26 14.25
N LYS A 140 -37.43 -5.00 14.29
CA LYS A 140 -37.90 -4.37 15.52
C LYS A 140 -36.91 -4.48 16.67
N PRO A 141 -35.68 -3.98 16.45
CA PRO A 141 -34.70 -4.04 17.52
C PRO A 141 -34.99 -3.04 18.62
N SER A 142 -34.54 -3.37 19.83
CA SER A 142 -34.58 -2.42 20.92
C SER A 142 -33.58 -1.31 20.69
N VAL A 143 -32.34 -1.71 20.44
CA VAL A 143 -31.25 -0.75 20.31
C VAL A 143 -30.22 -1.31 19.35
N LEU A 144 -29.60 -0.41 18.60
CA LEU A 144 -28.48 -0.77 17.75
C LEU A 144 -27.19 -0.51 18.52
N LEU A 145 -26.34 -1.52 18.60
CA LEU A 145 -25.05 -1.39 19.28
C LEU A 145 -23.97 -1.12 18.25
N THR A 146 -23.45 0.10 18.25
CA THR A 146 -22.40 0.48 17.33
C THR A 146 -21.05 0.62 18.02
N LEU A 147 -20.01 0.70 17.20
CA LEU A 147 -18.64 0.64 17.68
C LEU A 147 -17.98 2.01 17.69
N ARG A 148 -17.66 2.47 18.89
CA ARG A 148 -16.92 3.71 19.08
CA ARG A 148 -16.92 3.70 19.06
C ARG A 148 -16.04 3.58 20.31
N GLY A 149 -14.77 3.93 20.15
CA GLY A 149 -13.82 3.86 21.25
C GLY A 149 -12.48 4.43 20.81
N VAL A 150 -11.53 4.48 21.74
CA VAL A 150 -10.22 5.05 21.48
C VAL A 150 -9.16 3.97 21.44
N ASN A 151 -8.37 3.98 20.37
CA ASN A 151 -7.25 3.06 20.25
C ASN A 151 -6.11 3.61 21.12
N THR A 152 -5.59 2.81 22.03
CA THR A 152 -4.65 3.31 23.03
C THR A 152 -3.20 3.38 22.52
N ASP A 153 -2.97 2.93 21.29
CA ASP A 153 -1.67 3.08 20.63
C ASP A 153 -1.64 4.29 19.68
N SER A 154 -2.66 4.42 18.84
CA SER A 154 -2.73 5.54 17.90
C SER A 154 -3.36 6.79 18.50
N GLY A 155 -4.20 6.61 19.51
CA GLY A 155 -4.98 7.70 20.07
C GLY A 155 -6.20 8.06 19.21
N SER A 156 -6.43 7.29 18.15
CA SER A 156 -7.54 7.57 17.23
C SER A 156 -8.88 7.07 17.76
N VAL A 157 -9.93 7.83 17.45
CA VAL A 157 -11.30 7.42 17.74
C VAL A 157 -11.83 6.55 16.61
N CYS A 158 -12.23 5.34 16.95
CA CYS A 158 -12.87 4.46 15.99
C CYS A 158 -14.29 4.96 15.75
N ARG A 159 -14.60 5.21 14.48
CA ARG A 159 -15.89 5.80 14.09
C ARG A 159 -16.97 4.75 13.94
N GLU A 160 -18.15 5.03 14.48
CA GLU A 160 -19.24 4.07 14.48
C GLU A 160 -19.94 4.00 13.11
N ALA A 161 -20.60 2.86 12.89
CA ALA A 161 -21.41 2.65 11.69
C ALA A 161 -22.47 3.74 11.54
N SER A 162 -22.75 4.09 10.30
CA SER A 162 -23.81 5.03 10.02
C SER A 162 -24.45 4.67 8.69
N PHE A 163 -25.76 4.83 8.61
CA PHE A 163 -26.47 4.61 7.35
C PHE A 163 -27.69 5.53 7.31
N ASP A 164 -28.17 5.76 6.09
CA ASP A 164 -29.35 6.61 5.88
CA ASP A 164 -29.34 6.61 5.89
C ASP A 164 -30.54 6.04 6.64
N GLY A 165 -31.04 6.79 7.61
CA GLY A 165 -32.17 6.37 8.41
C GLY A 165 -31.81 5.84 9.78
N ILE A 166 -30.53 5.82 10.11
CA ILE A 166 -30.11 5.30 11.40
C ILE A 166 -30.68 6.17 12.54
N SER A 167 -30.94 7.44 12.24
CA SER A 167 -31.47 8.37 13.23
C SER A 167 -32.87 7.96 13.73
N LYS A 168 -33.55 7.10 12.97
CA LYS A 168 -34.85 6.61 13.36
C LYS A 168 -34.74 5.50 14.41
N PHE A 169 -33.52 5.04 14.68
CA PHE A 169 -33.29 3.96 15.62
C PHE A 169 -32.76 4.46 16.95
N GLU A 170 -32.89 3.61 17.97
CA GLU A 170 -32.21 3.84 19.24
C GLU A 170 -30.79 3.28 19.09
N VAL A 171 -29.79 4.12 19.31
CA VAL A 171 -28.40 3.71 19.13
C VAL A 171 -27.57 3.92 20.39
N ASN A 172 -26.82 2.90 20.76
CA ASN A 172 -25.84 2.99 21.82
C ASN A 172 -24.45 2.73 21.25
N ASN A 173 -23.51 3.64 21.54
CA ASN A 173 -22.15 3.50 21.01
C ASN A 173 -21.08 3.37 22.10
N THR A 174 -21.49 3.02 23.32
CA THR A 174 -20.55 2.88 24.43
C THR A 174 -20.33 1.43 24.87
N ILE A 175 -21.33 0.58 24.69
CA ILE A 175 -21.25 -0.78 25.19
C ILE A 175 -20.28 -1.68 24.41
N LEU A 176 -20.34 -1.59 23.09
CA LEU A 176 -19.75 -2.61 22.23
C LEU A 176 -18.21 -2.61 22.25
N HIS A 177 -17.60 -1.44 22.15
CA HIS A 177 -16.16 -1.35 21.91
C HIS A 177 -15.32 -2.13 22.94
N PRO A 178 -15.53 -1.87 24.25
CA PRO A 178 -14.71 -2.63 25.20
C PRO A 178 -14.97 -4.14 25.16
N GLU A 179 -16.18 -4.54 24.78
CA GLU A 179 -16.53 -5.95 24.74
C GLU A 179 -15.91 -6.68 23.55
N ILE A 180 -15.99 -6.11 22.36
CA ILE A 180 -15.39 -6.76 21.20
C ILE A 180 -13.85 -6.76 21.33
N VAL A 181 -13.30 -5.66 21.82
CA VAL A 181 -11.87 -5.59 22.14
C VAL A 181 -11.46 -6.73 23.08
N GLU A 182 -12.24 -6.96 24.14
CA GLU A 182 -11.87 -7.98 25.10
C GLU A 182 -11.92 -9.37 24.46
N CYS A 183 -12.88 -9.61 23.57
CA CYS A 183 -12.90 -10.88 22.85
C CYS A 183 -11.63 -11.03 21.99
N GLN A 184 -11.23 -9.95 21.36
CA GLN A 184 -10.09 -9.98 20.43
C GLN A 184 -8.80 -10.33 21.15
N VAL A 185 -8.68 -9.90 22.40
CA VAL A 185 -7.48 -10.13 23.21
C VAL A 185 -7.17 -11.62 23.37
N PHE A 186 -8.22 -12.45 23.41
CA PHE A 186 -8.06 -13.88 23.61
C PHE A 186 -8.30 -14.64 22.32
N LYS A 187 -7.25 -15.27 21.81
CA LYS A 187 -7.31 -15.91 20.50
C LYS A 187 -7.87 -17.33 20.58
N THR A 188 -8.76 -17.64 19.66
CA THR A 188 -9.32 -18.99 19.55
C THR A 188 -8.30 -19.91 18.94
N ASP A 189 -8.52 -21.21 19.06
CA ASP A 189 -7.64 -22.18 18.43
C ASP A 189 -7.58 -21.97 16.92
N MET A 190 -8.69 -21.60 16.31
CA MET A 190 -8.69 -21.36 14.87
C MET A 190 -7.84 -20.15 14.53
N GLU A 191 -7.92 -19.10 15.34
CA GLU A 191 -7.11 -17.91 15.12
C GLU A 191 -5.61 -18.21 15.30
N LEU A 192 -5.28 -19.05 16.29
CA LEU A 192 -3.90 -19.42 16.54
C LEU A 192 -3.32 -20.18 15.35
N GLU A 193 -4.13 -20.99 14.69
CA GLU A 193 -3.67 -21.70 13.50
C GLU A 193 -3.19 -20.70 12.45
N VAL A 194 -3.87 -19.58 12.32
CA VAL A 194 -3.48 -18.59 11.32
C VAL A 194 -2.20 -17.89 11.74
N LEU A 195 -2.05 -17.61 13.04
CA LEU A 195 -0.88 -16.90 13.52
C LEU A 195 0.36 -17.81 13.50
N ARG A 196 0.14 -19.10 13.64
CA ARG A 196 1.21 -20.07 13.46
C ARG A 196 1.71 -20.01 12.02
N TYR A 197 0.75 -19.92 11.10
CA TYR A 197 1.06 -19.85 9.67
C TYR A 197 1.77 -18.56 9.30
N THR A 198 1.29 -17.42 9.78
CA THR A 198 1.92 -16.17 9.42
C THR A 198 3.34 -16.16 9.95
N ASN A 199 3.54 -16.75 11.13
CA ASN A 199 4.89 -16.83 11.67
C ASN A 199 5.77 -17.79 10.88
N LYS A 200 5.18 -18.88 10.40
CA LYS A 200 5.92 -19.84 9.60
CA LYS A 200 5.93 -19.83 9.60
C LYS A 200 6.46 -19.18 8.34
N ILE A 201 5.59 -18.52 7.58
CA ILE A 201 6.01 -17.92 6.32
C ILE A 201 7.02 -16.80 6.56
N SER A 202 6.72 -15.92 7.52
CA SER A 202 7.58 -14.79 7.79
C SER A 202 8.95 -15.28 8.30
N SER A 203 8.95 -16.37 9.07
CA SER A 203 10.20 -16.97 9.54
C SER A 203 11.03 -17.50 8.36
N GLU A 204 10.35 -18.20 7.46
CA GLU A 204 10.99 -18.69 6.24
C GLU A 204 11.58 -17.53 5.44
N ALA A 205 10.83 -16.44 5.33
CA ALA A 205 11.27 -15.28 4.57
C ALA A 205 12.50 -14.63 5.21
N HIS A 206 12.49 -14.49 6.53
CA HIS A 206 13.64 -13.93 7.24
C HIS A 206 14.88 -14.78 6.99
N ARG A 207 14.69 -16.09 6.91
CA ARG A 207 15.80 -17.00 6.70
C ARG A 207 16.34 -16.84 5.28
N GLU A 208 15.44 -16.71 4.32
CA GLU A 208 15.84 -16.44 2.95
C GLU A 208 16.61 -15.11 2.86
N VAL A 209 16.19 -14.13 3.63
CA VAL A 209 16.85 -12.84 3.62
C VAL A 209 18.26 -12.99 4.19
N MET A 210 18.38 -13.68 5.32
CA MET A 210 19.70 -13.86 5.93
C MET A 210 20.68 -14.56 4.99
N LYS A 211 20.17 -15.53 4.24
CA LYS A 211 20.97 -16.25 3.25
C LYS A 211 21.38 -15.37 2.08
N ALA A 212 20.56 -14.38 1.76
CA ALA A 212 20.77 -13.57 0.55
C ALA A 212 21.54 -12.28 0.79
N VAL A 213 21.55 -11.79 2.02
CA VAL A 213 22.17 -10.51 2.32
C VAL A 213 23.64 -10.54 1.92
N LYS A 214 24.08 -9.50 1.20
CA LYS A 214 25.49 -9.31 0.87
C LYS A 214 25.89 -7.87 1.10
N VAL A 215 27.12 -7.67 1.55
CA VAL A 215 27.68 -6.34 1.65
C VAL A 215 27.57 -5.68 0.28
N GLY A 216 27.23 -4.40 0.26
CA GLY A 216 27.05 -3.67 -0.97
C GLY A 216 25.60 -3.54 -1.42
N MET A 217 24.71 -4.39 -0.92
CA MET A 217 23.30 -4.28 -1.27
C MET A 217 22.65 -3.08 -0.59
N LYS A 218 21.59 -2.56 -1.20
CA LYS A 218 20.73 -1.59 -0.53
C LYS A 218 19.76 -2.32 0.41
N GLU A 219 19.47 -1.70 1.54
CA GLU A 219 18.54 -2.26 2.52
C GLU A 219 17.23 -2.69 1.85
N TYR A 220 16.71 -1.86 0.95
CA TYR A 220 15.42 -2.15 0.33
C TYR A 220 15.43 -3.39 -0.57
N GLU A 221 16.60 -3.84 -1.01
CA GLU A 221 16.66 -5.06 -1.78
C GLU A 221 16.18 -6.25 -0.94
N LEU A 222 16.41 -6.18 0.37
CA LEU A 222 15.98 -7.26 1.24
C LEU A 222 14.50 -7.10 1.63
N GLU A 223 14.06 -5.86 1.76
CA GLU A 223 12.64 -5.57 1.93
C GLU A 223 11.85 -6.22 0.79
N SER A 224 12.30 -5.95 -0.43
CA SER A 224 11.67 -6.50 -1.62
C SER A 224 11.67 -8.02 -1.59
N LEU A 225 12.81 -8.61 -1.29
CA LEU A 225 12.91 -10.07 -1.28
C LEU A 225 11.97 -10.68 -0.24
N PHE A 226 11.91 -10.06 0.93
CA PHE A 226 11.07 -10.55 2.03
C PHE A 226 9.60 -10.59 1.59
N GLU A 227 9.15 -9.47 1.05
CA GLU A 227 7.75 -9.35 0.66
C GLU A 227 7.44 -10.28 -0.52
N HIS A 228 8.40 -10.46 -1.42
CA HIS A 228 8.23 -11.37 -2.55
C HIS A 228 8.08 -12.81 -2.06
N TYR A 229 8.89 -13.21 -1.08
CA TYR A 229 8.73 -14.55 -0.53
C TYR A 229 7.36 -14.68 0.13
N CYS A 230 6.98 -13.69 0.94
CA CYS A 230 5.72 -13.78 1.66
C CYS A 230 4.52 -13.87 0.70
N TYR A 231 4.54 -13.07 -0.35
CA TYR A 231 3.42 -13.08 -1.28
C TYR A 231 3.44 -14.34 -2.15
N SER A 232 4.53 -14.55 -2.89
CA SER A 232 4.57 -15.65 -3.84
C SER A 232 4.47 -17.03 -3.19
N ARG A 233 5.06 -17.21 -2.01
CA ARG A 233 5.05 -18.51 -1.34
CA ARG A 233 5.07 -18.51 -1.33
C ARG A 233 3.99 -18.63 -0.24
N GLY A 234 3.60 -17.50 0.34
CA GLY A 234 2.67 -17.50 1.45
C GLY A 234 1.29 -16.93 1.17
N GLY A 235 1.12 -16.32 0.00
CA GLY A 235 -0.12 -15.67 -0.35
C GLY A 235 -0.39 -14.41 0.43
N MET A 236 0.67 -13.83 0.99
CA MET A 236 0.57 -12.61 1.76
C MET A 236 0.74 -11.39 0.88
N ARG A 237 -0.38 -10.84 0.44
CA ARG A 237 -0.36 -9.68 -0.42
C ARG A 237 0.08 -8.41 0.32
N HIS A 238 -0.24 -8.35 1.60
CA HIS A 238 0.15 -7.22 2.45
C HIS A 238 1.23 -7.64 3.45
N SER A 239 2.02 -6.66 3.88
CA SER A 239 2.80 -6.80 5.09
C SER A 239 1.99 -6.28 6.29
N SER A 240 2.35 -6.72 7.49
CA SER A 240 1.67 -6.29 8.71
C SER A 240 2.01 -4.84 9.09
N TYR A 241 3.13 -4.36 8.56
CA TYR A 241 3.62 -3.01 8.81
C TYR A 241 4.73 -2.74 7.80
N THR A 242 5.13 -1.49 7.64
CA THR A 242 6.21 -1.16 6.72
C THR A 242 7.53 -1.79 7.20
N CYS A 243 8.18 -2.55 6.32
CA CYS A 243 9.43 -3.22 6.64
C CYS A 243 10.50 -2.29 7.17
N ILE A 244 11.12 -2.70 8.27
CA ILE A 244 12.22 -1.98 8.90
C ILE A 244 13.52 -2.72 8.58
N CYS A 245 14.32 -2.18 7.67
CA CYS A 245 15.55 -2.82 7.24
C CYS A 245 16.75 -1.93 7.58
N GLY A 246 17.06 -1.85 8.86
CA GLY A 246 18.09 -0.95 9.34
C GLY A 246 19.47 -1.58 9.36
N SER A 247 20.39 -0.99 8.61
CA SER A 247 21.79 -1.43 8.61
C SER A 247 22.68 -0.37 9.25
N GLY A 248 23.74 -0.81 9.92
CA GLY A 248 24.66 0.12 10.55
C GLY A 248 23.95 0.98 11.57
N GLU A 249 24.25 2.27 11.57
CA GLU A 249 23.67 3.18 12.54
C GLU A 249 22.13 3.22 12.48
N ASN A 250 21.55 2.83 11.34
CA ASN A 250 20.09 2.83 11.20
C ASN A 250 19.42 1.78 12.08
N SER A 251 20.16 0.78 12.52
CA SER A 251 19.57 -0.24 13.37
C SER A 251 19.23 0.32 14.75
N ALA A 252 19.67 1.55 15.05
CA ALA A 252 19.29 2.24 16.29
C ALA A 252 17.98 3.03 16.16
N VAL A 253 17.41 3.07 14.96
CA VAL A 253 16.18 3.79 14.68
C VAL A 253 15.04 2.78 14.70
N LEU A 254 14.19 2.85 15.72
CA LEU A 254 13.25 1.78 16.03
C LEU A 254 12.29 1.43 14.90
N HIS A 255 11.78 2.44 14.23
CA HIS A 255 10.82 2.23 13.13
C HIS A 255 11.36 2.85 11.84
N TYR A 256 12.67 2.67 11.63
CA TYR A 256 13.33 2.99 10.38
C TYR A 256 12.57 2.37 9.19
N GLY A 257 12.63 3.00 8.03
CA GLY A 257 12.12 2.40 6.80
C GLY A 257 10.91 3.08 6.22
N HIS A 258 10.37 4.04 6.96
CA HIS A 258 9.26 4.86 6.52
C HIS A 258 9.70 5.80 5.39
N ALA A 259 8.74 6.53 4.83
CA ALA A 259 8.99 7.38 3.66
C ALA A 259 10.12 8.37 3.89
N GLY A 260 10.31 8.77 5.15
CA GLY A 260 11.32 9.76 5.52
C GLY A 260 12.72 9.16 5.68
N ALA A 261 12.79 7.85 5.79
CA ALA A 261 14.04 7.12 5.90
C ALA A 261 13.87 5.77 5.24
N PRO A 262 13.80 5.76 3.90
CA PRO A 262 13.19 4.62 3.20
C PRO A 262 14.12 3.44 2.82
N ASN A 263 14.83 2.89 3.82
CA ASN A 263 15.60 1.67 3.61
C ASN A 263 16.58 1.86 2.43
N ASP A 264 17.19 3.04 2.35
CA ASP A 264 17.96 3.40 1.16
C ASP A 264 19.47 3.50 1.42
N ARG A 265 19.94 2.93 2.53
CA ARG A 265 21.38 2.89 2.83
C ARG A 265 22.06 1.67 2.22
N THR A 266 23.30 1.84 1.78
CA THR A 266 24.11 0.73 1.32
C THR A 266 24.72 -0.01 2.51
N ILE A 267 24.56 -1.31 2.54
CA ILE A 267 25.04 -2.13 3.64
C ILE A 267 26.56 -2.26 3.52
N GLN A 268 27.26 -1.97 4.62
CA GLN A 268 28.72 -1.95 4.61
CA GLN A 268 28.73 -1.94 4.63
C GLN A 268 29.32 -3.06 5.47
N ASN A 269 30.53 -3.49 5.12
CA ASN A 269 31.22 -4.51 5.90
C ASN A 269 31.38 -4.03 7.34
N GLY A 270 31.10 -4.91 8.28
CA GLY A 270 31.18 -4.55 9.69
C GLY A 270 29.86 -4.11 10.30
N ASP A 271 28.88 -3.78 9.45
CA ASP A 271 27.57 -3.33 9.93
C ASP A 271 26.82 -4.45 10.61
N MET A 272 26.03 -4.07 11.61
CA MET A 272 24.96 -4.94 12.08
C MET A 272 23.69 -4.62 11.31
N CYS A 273 22.90 -5.65 11.05
CA CYS A 273 21.60 -5.49 10.45
C CYS A 273 20.51 -5.77 11.48
N LEU A 274 19.45 -4.97 11.45
CA LEU A 274 18.27 -5.20 12.26
C LEU A 274 17.08 -5.14 11.32
N PHE A 275 16.54 -6.32 11.01
CA PHE A 275 15.44 -6.45 10.06
C PHE A 275 14.17 -6.88 10.76
N ASP A 276 13.23 -5.94 10.85
CA ASP A 276 11.96 -6.12 11.53
C ASP A 276 10.88 -6.13 10.43
N MET A 277 10.36 -7.31 10.15
CA MET A 277 9.47 -7.52 9.00
C MET A 277 8.49 -8.64 9.30
N GLY A 278 7.25 -8.49 8.85
CA GLY A 278 6.25 -9.51 9.07
C GLY A 278 5.13 -9.44 8.06
N GLY A 279 4.93 -10.52 7.33
CA GLY A 279 3.84 -10.60 6.38
C GLY A 279 2.50 -10.73 7.08
N GLU A 280 1.44 -10.37 6.35
CA GLU A 280 0.06 -10.47 6.81
C GLU A 280 -0.72 -11.41 5.89
N TYR A 281 -1.45 -12.35 6.48
CA TYR A 281 -2.27 -13.29 5.73
C TYR A 281 -3.72 -13.17 6.16
N TYR A 282 -4.57 -12.80 5.21
CA TYR A 282 -6.01 -12.69 5.48
C TYR A 282 -6.23 -11.80 6.72
N CYS A 283 -5.56 -10.65 6.73
CA CYS A 283 -5.62 -9.69 7.84
C CYS A 283 -5.20 -10.23 9.23
N PHE A 284 -4.38 -11.27 9.26
CA PHE A 284 -3.74 -11.68 10.50
C PHE A 284 -2.26 -11.36 10.43
N ALA A 285 -1.72 -10.82 11.51
CA ALA A 285 -0.36 -10.30 11.55
C ALA A 285 0.71 -11.33 11.85
N SER A 286 1.95 -10.93 11.54
CA SER A 286 3.14 -11.52 12.12
C SER A 286 4.09 -10.34 12.37
N ASP A 287 5.01 -10.51 13.31
CA ASP A 287 5.87 -9.40 13.71
C ASP A 287 7.20 -9.95 14.23
N ILE A 288 8.21 -9.99 13.37
CA ILE A 288 9.47 -10.69 13.66
C ILE A 288 10.66 -9.78 13.37
N THR A 289 11.62 -9.76 14.31
CA THR A 289 12.87 -9.04 14.10
C THR A 289 14.04 -10.00 14.23
N CYS A 290 14.90 -9.97 13.22
CA CYS A 290 16.15 -10.71 13.21
C CYS A 290 17.31 -9.71 13.18
N SER A 291 18.33 -9.96 14.00
CA SER A 291 19.51 -9.12 14.06
C SER A 291 20.73 -9.98 13.74
N PHE A 292 21.63 -9.46 12.91
CA PHE A 292 22.76 -10.25 12.44
C PHE A 292 23.83 -9.37 11.78
N PRO A 293 25.08 -9.86 11.75
CA PRO A 293 26.14 -9.12 11.06
C PRO A 293 25.99 -9.17 9.55
N ALA A 294 26.11 -8.03 8.90
CA ALA A 294 26.01 -7.94 7.44
C ALA A 294 26.92 -8.94 6.74
N ASN A 295 28.16 -9.08 7.23
CA ASN A 295 29.12 -9.93 6.55
C ASN A 295 29.09 -11.38 7.01
N GLY A 296 28.13 -11.70 7.88
CA GLY A 296 27.91 -13.08 8.27
C GLY A 296 28.82 -13.59 9.39
N LYS A 297 29.65 -12.70 9.93
CA LYS A 297 30.53 -13.07 11.05
C LYS A 297 30.44 -12.04 12.17
N PHE A 298 29.97 -12.47 13.33
CA PHE A 298 29.92 -11.60 14.50
C PHE A 298 31.31 -11.24 14.95
N THR A 299 31.58 -9.95 15.14
CA THR A 299 32.77 -9.52 15.87
C THR A 299 32.55 -9.80 17.35
N ALA A 300 33.59 -9.60 18.16
CA ALA A 300 33.47 -9.81 19.59
C ALA A 300 32.44 -8.84 20.19
N ASP A 301 32.50 -7.58 19.78
CA ASP A 301 31.59 -6.57 20.30
C ASP A 301 30.16 -6.89 19.89
N GLN A 302 29.99 -7.31 18.65
CA GLN A 302 28.66 -7.64 18.12
C GLN A 302 28.07 -8.83 18.85
N LYS A 303 28.89 -9.85 19.08
CA LYS A 303 28.48 -11.05 19.79
C LYS A 303 27.98 -10.72 21.20
N ALA A 304 28.69 -9.81 21.86
CA ALA A 304 28.38 -9.46 23.24
C ALA A 304 27.04 -8.73 23.36
N VAL A 305 26.84 -7.71 22.53
CA VAL A 305 25.57 -7.00 22.50
C VAL A 305 24.46 -7.95 22.12
N TYR A 306 24.67 -8.71 21.04
CA TYR A 306 23.63 -9.62 20.57
C TYR A 306 23.24 -10.62 21.65
N GLU A 307 24.24 -11.24 22.30
CA GLU A 307 23.95 -12.28 23.26
C GLU A 307 23.33 -11.72 24.53
N ALA A 308 23.52 -10.43 24.77
CA ALA A 308 22.86 -9.78 25.90
C ALA A 308 21.35 -9.75 25.67
N VAL A 309 20.95 -9.42 24.45
CA VAL A 309 19.53 -9.38 24.09
C VAL A 309 18.99 -10.80 24.01
N LEU A 310 19.81 -11.73 23.57
CA LEU A 310 19.38 -13.12 23.50
C LEU A 310 19.11 -13.64 24.90
N ARG A 311 19.93 -13.22 25.86
CA ARG A 311 19.72 -13.66 27.24
C ARG A 311 18.39 -13.15 27.78
N SER A 312 18.10 -11.86 27.57
CA SER A 312 16.86 -11.30 28.08
C SER A 312 15.66 -11.91 27.38
N SER A 313 15.76 -12.11 26.07
CA SER A 313 14.71 -12.78 25.31
C SER A 313 14.34 -14.13 25.93
N ARG A 314 15.35 -14.97 26.16
CA ARG A 314 15.09 -16.31 26.66
C ARG A 314 14.66 -16.30 28.13
N ALA A 315 15.16 -15.33 28.88
CA ALA A 315 14.77 -15.21 30.28
C ALA A 315 13.29 -14.87 30.37
N VAL A 316 12.86 -13.89 29.58
CA VAL A 316 11.46 -13.49 29.57
C VAL A 316 10.59 -14.65 29.12
N MET A 317 10.94 -15.27 27.99
CA MET A 317 10.13 -16.36 27.47
C MET A 317 10.04 -17.49 28.50
N GLY A 318 11.12 -17.71 29.23
CA GLY A 318 11.15 -18.75 30.25
C GLY A 318 10.31 -18.43 31.48
N ALA A 319 10.08 -17.15 31.74
CA ALA A 319 9.36 -16.68 32.91
C ALA A 319 7.85 -16.49 32.65
N MET A 320 7.50 -16.28 31.39
CA MET A 320 6.12 -15.99 31.02
C MET A 320 5.17 -17.13 31.29
N LYS A 321 4.07 -16.81 31.97
CA LYS A 321 3.01 -17.76 32.24
C LYS A 321 1.81 -17.00 32.80
N PRO A 322 0.64 -17.66 32.87
CA PRO A 322 -0.53 -16.96 33.38
C PRO A 322 -0.28 -16.38 34.77
N GLY A 323 -0.76 -15.17 35.02
CA GLY A 323 -0.61 -14.53 36.31
C GLY A 323 0.56 -13.56 36.38
N VAL A 324 1.54 -13.73 35.50
CA VAL A 324 2.67 -12.82 35.43
C VAL A 324 2.21 -11.42 35.03
N TRP A 325 2.72 -10.41 35.71
CA TRP A 325 2.45 -9.01 35.36
C TRP A 325 3.45 -8.53 34.29
N TRP A 326 2.95 -8.08 33.14
CA TRP A 326 3.82 -7.81 32.00
C TRP A 326 4.92 -6.78 32.32
N PRO A 327 4.60 -5.69 33.04
CA PRO A 327 5.67 -4.76 33.42
C PRO A 327 6.83 -5.41 34.20
N ASP A 328 6.58 -6.48 34.95
CA ASP A 328 7.66 -7.19 35.63
C ASP A 328 8.60 -7.85 34.63
N MET A 329 8.05 -8.31 33.50
CA MET A 329 8.88 -8.90 32.45
C MET A 329 9.74 -7.82 31.80
N HIS A 330 9.18 -6.63 31.62
CA HIS A 330 9.95 -5.51 31.12
C HIS A 330 11.12 -5.18 32.05
N ARG A 331 10.85 -5.09 33.35
CA ARG A 331 11.90 -4.80 34.32
CA ARG A 331 11.90 -4.80 34.32
C ARG A 331 12.95 -5.91 34.34
N LEU A 332 12.52 -7.15 34.18
CA LEU A 332 13.45 -8.28 34.11
C LEU A 332 14.42 -8.10 32.94
N ALA A 333 13.89 -7.69 31.79
CA ALA A 333 14.72 -7.46 30.62
C ALA A 333 15.71 -6.32 30.87
N ASP A 334 15.22 -5.22 31.44
CA ASP A 334 16.05 -4.08 31.79
C ASP A 334 17.24 -4.51 32.65
N ARG A 335 16.94 -5.32 33.66
CA ARG A 335 17.98 -5.73 34.61
C ARG A 335 19.04 -6.59 33.93
N ILE A 336 18.59 -7.51 33.08
CA ILE A 336 19.50 -8.38 32.36
C ILE A 336 20.36 -7.58 31.41
N HIS A 337 19.77 -6.63 30.68
CA HIS A 337 20.56 -5.77 29.81
C HIS A 337 21.64 -5.02 30.56
N LEU A 338 21.26 -4.44 31.69
CA LEU A 338 22.22 -3.70 32.51
C LEU A 338 23.35 -4.61 33.04
N GLU A 339 22.99 -5.81 33.47
CA GLU A 339 23.97 -6.80 33.92
C GLU A 339 24.98 -7.11 32.81
N GLU A 340 24.46 -7.32 31.62
CA GLU A 340 25.29 -7.74 30.48
C GLU A 340 26.14 -6.60 29.95
N LEU A 341 25.58 -5.39 29.94
CA LEU A 341 26.33 -4.23 29.51
C LEU A 341 27.48 -3.97 30.49
N ALA A 342 27.25 -4.28 31.76
CA ALA A 342 28.30 -4.18 32.77
C ALA A 342 29.35 -5.27 32.54
N HIS A 343 28.91 -6.48 32.26
CA HIS A 343 29.80 -7.59 31.97
C HIS A 343 30.69 -7.29 30.76
N MET A 344 30.21 -6.39 29.89
CA MET A 344 30.91 -5.97 28.68
C MET A 344 31.89 -4.83 28.88
N GLY A 345 31.82 -4.20 30.04
CA GLY A 345 32.66 -3.06 30.35
C GLY A 345 32.10 -1.72 29.92
N ILE A 346 30.92 -1.72 29.30
CA ILE A 346 30.26 -0.48 28.95
C ILE A 346 29.77 0.24 30.21
N LEU A 347 29.27 -0.52 31.17
CA LEU A 347 28.80 0.01 32.44
C LEU A 347 29.64 -0.50 33.60
N SER A 348 29.71 0.26 34.67
CA SER A 348 30.36 -0.16 35.91
C SER A 348 29.57 0.36 37.11
N GLY A 349 29.66 -0.36 38.23
CA GLY A 349 28.98 0.04 39.45
C GLY A 349 27.88 -0.93 39.83
N SER A 350 27.04 -0.52 40.78
CA SER A 350 25.97 -1.37 41.26
C SER A 350 24.82 -1.45 40.28
N VAL A 351 24.49 -2.66 39.84
CA VAL A 351 23.38 -2.85 38.92
C VAL A 351 22.06 -2.44 39.60
N ASP A 352 21.93 -2.71 40.90
CA ASP A 352 20.74 -2.28 41.64
C ASP A 352 20.58 -0.78 41.51
N ALA A 353 21.69 -0.05 41.63
CA ALA A 353 21.65 1.40 41.56
C ALA A 353 21.23 1.85 40.16
N MET A 354 21.74 1.14 39.16
CA MET A 354 21.43 1.45 37.77
C MET A 354 19.93 1.34 37.52
N VAL A 355 19.34 0.25 38.00
CA VAL A 355 17.90 0.04 37.91
C VAL A 355 17.13 1.17 38.55
N GLN A 356 17.54 1.57 39.74
CA GLN A 356 16.85 2.62 40.47
C GLN A 356 16.92 3.94 39.73
N ALA A 357 17.96 4.11 38.92
CA ALA A 357 18.14 5.33 38.14
C ALA A 357 17.50 5.21 36.75
N HIS A 358 16.79 4.11 36.51
CA HIS A 358 16.10 3.88 35.23
C HIS A 358 17.08 3.85 34.05
N LEU A 359 18.27 3.30 34.28
CA LEU A 359 19.30 3.34 33.26
C LEU A 359 18.97 2.44 32.06
N GLY A 360 18.16 1.42 32.31
CA GLY A 360 17.78 0.47 31.28
C GLY A 360 17.10 1.13 30.10
N ALA A 361 16.36 2.20 30.38
CA ALA A 361 15.56 2.88 29.36
C ALA A 361 16.45 3.63 28.37
N VAL A 362 17.68 3.93 28.77
CA VAL A 362 18.61 4.60 27.88
C VAL A 362 18.92 3.68 26.71
N PHE A 363 18.99 2.39 27.00
CA PHE A 363 19.39 1.39 26.00
C PHE A 363 18.21 0.68 25.34
N MET A 364 17.06 0.66 26.02
CA MET A 364 15.82 0.11 25.47
C MET A 364 14.70 1.10 25.75
N PRO A 365 14.59 2.15 24.92
CA PRO A 365 13.61 3.22 25.12
C PRO A 365 12.24 2.87 24.54
N HIS A 366 11.83 1.62 24.69
CA HIS A 366 10.54 1.16 24.20
C HIS A 366 10.03 0.00 25.03
N GLY A 367 8.76 -0.34 24.85
CA GLY A 367 8.16 -1.43 25.59
C GLY A 367 8.68 -2.79 25.19
N LEU A 368 8.74 -3.70 26.16
CA LEU A 368 9.23 -5.06 25.93
C LEU A 368 8.45 -5.81 24.84
N GLY A 369 7.16 -5.52 24.71
CA GLY A 369 6.34 -6.23 23.75
C GLY A 369 4.87 -5.86 23.88
N HIS A 370 4.07 -6.30 22.91
CA HIS A 370 2.69 -5.84 22.77
C HIS A 370 1.78 -6.95 22.27
N PHE A 371 0.48 -6.81 22.51
CA PHE A 371 -0.49 -7.72 21.96
C PHE A 371 -0.39 -7.72 20.43
N LEU A 372 -0.61 -8.89 19.84
CA LEU A 372 -0.62 -9.03 18.39
C LEU A 372 -1.80 -9.90 17.94
N GLY A 373 -2.35 -9.57 16.78
CA GLY A 373 -3.48 -10.33 16.28
C GLY A 373 -3.77 -9.90 14.86
N ILE A 374 -4.98 -9.39 14.66
CA ILE A 374 -5.36 -8.86 13.37
C ILE A 374 -4.56 -7.58 13.06
N ASP A 375 -4.23 -6.81 14.10
CA ASP A 375 -3.30 -5.70 13.98
C ASP A 375 -1.97 -6.04 14.64
N VAL A 376 -0.88 -5.50 14.11
CA VAL A 376 0.43 -5.77 14.69
C VAL A 376 0.46 -5.23 16.14
N HIS A 377 -0.03 -4.01 16.34
CA HIS A 377 -0.29 -3.51 17.69
C HIS A 377 -1.76 -3.72 18.03
N ASP A 378 -2.06 -4.92 18.53
CA ASP A 378 -3.46 -5.34 18.69
C ASP A 378 -4.15 -4.59 19.82
N VAL A 379 -5.47 -4.54 19.73
CA VAL A 379 -6.28 -3.80 20.69
C VAL A 379 -6.27 -4.45 22.08
N GLY A 380 -6.66 -3.68 23.08
CA GLY A 380 -6.99 -4.22 24.39
C GLY A 380 -5.90 -4.19 25.44
N GLY A 381 -4.81 -3.47 25.17
CA GLY A 381 -3.70 -3.42 26.12
C GLY A 381 -3.99 -2.64 27.39
N TYR A 382 -4.87 -1.64 27.28
CA TYR A 382 -5.18 -0.72 28.36
C TYR A 382 -6.69 -0.53 28.51
N PRO A 383 -7.39 -1.59 28.91
CA PRO A 383 -8.81 -1.47 29.22
C PRO A 383 -9.02 -0.62 30.47
N GLU A 384 -10.26 -0.22 30.75
CA GLU A 384 -10.55 0.56 31.94
C GLU A 384 -9.97 -0.13 33.17
N GLY A 385 -9.29 0.65 34.00
CA GLY A 385 -8.69 0.15 35.22
C GLY A 385 -7.19 -0.09 35.10
N VAL A 386 -6.71 -0.31 33.87
CA VAL A 386 -5.29 -0.59 33.65
C VAL A 386 -4.54 0.69 33.31
N GLU A 387 -3.55 1.01 34.12
CA GLU A 387 -2.86 2.29 34.04
C GLU A 387 -1.48 2.19 33.40
N ARG A 388 -1.10 3.24 32.69
CA ARG A 388 0.21 3.35 32.09
C ARG A 388 1.21 3.79 33.16
N ILE A 389 2.30 3.05 33.31
CA ILE A 389 3.32 3.35 34.32
C ILE A 389 4.19 4.51 33.87
N ASP A 390 4.25 5.55 34.71
CA ASP A 390 4.93 6.79 34.36
C ASP A 390 6.41 6.75 34.70
N GLU A 391 7.13 5.88 34.00
CA GLU A 391 8.58 5.78 34.12
C GLU A 391 9.19 5.58 32.74
N PRO A 392 10.46 5.99 32.56
CA PRO A 392 11.14 5.74 31.29
C PRO A 392 11.06 4.28 30.88
N GLY A 393 10.86 4.02 29.59
CA GLY A 393 10.74 2.66 29.10
C GLY A 393 9.35 2.08 29.34
N LEU A 394 8.98 1.93 30.60
CA LEU A 394 7.71 1.33 30.98
C LEU A 394 6.51 2.12 30.45
N ARG A 395 6.66 3.43 30.30
CA ARG A 395 5.55 4.25 29.83
C ARG A 395 5.28 3.98 28.36
N SER A 396 6.22 3.31 27.69
CA SER A 396 6.07 2.97 26.28
C SER A 396 5.47 1.58 26.08
N LEU A 397 5.27 0.85 27.18
CA LEU A 397 4.58 -0.43 27.11
C LEU A 397 3.19 -0.23 26.50
N ARG A 398 2.82 -1.12 25.59
CA ARG A 398 1.50 -1.05 24.96
C ARG A 398 0.45 -1.83 25.75
N THR A 399 0.86 -2.46 26.85
CA THR A 399 -0.08 -3.02 27.82
C THR A 399 0.59 -3.16 29.19
N ALA A 400 -0.21 -3.00 30.24
CA ALA A 400 0.24 -3.21 31.60
C ALA A 400 -0.61 -4.29 32.28
N ARG A 401 -1.20 -5.16 31.46
CA ARG A 401 -2.05 -6.22 31.97
C ARG A 401 -1.26 -7.41 32.51
N HIS A 402 -1.96 -8.25 33.27
CA HIS A 402 -1.44 -9.56 33.66
C HIS A 402 -1.70 -10.58 32.55
N LEU A 403 -0.77 -11.49 32.35
CA LEU A 403 -0.89 -12.51 31.31
C LEU A 403 -1.95 -13.55 31.62
N GLN A 404 -2.74 -13.90 30.61
CA GLN A 404 -3.69 -15.00 30.70
C GLN A 404 -3.64 -15.85 29.43
N PRO A 405 -4.05 -17.13 29.54
CA PRO A 405 -4.03 -18.03 28.38
C PRO A 405 -4.84 -17.49 27.20
N GLY A 406 -4.28 -17.63 26.00
CA GLY A 406 -4.93 -17.16 24.79
C GLY A 406 -4.41 -15.82 24.28
N MET A 407 -3.75 -15.07 25.14
CA MET A 407 -3.13 -13.83 24.71
C MET A 407 -1.97 -14.13 23.79
N VAL A 408 -1.77 -13.26 22.80
CA VAL A 408 -0.64 -13.36 21.88
C VAL A 408 0.16 -12.08 22.02
N LEU A 409 1.43 -12.24 22.37
CA LEU A 409 2.33 -11.11 22.61
C LEU A 409 3.63 -11.22 21.82
N THR A 410 4.21 -10.08 21.52
CA THR A 410 5.58 -10.05 21.03
C THR A 410 6.49 -9.98 22.25
N VAL A 411 7.67 -10.59 22.11
CA VAL A 411 8.74 -10.46 23.08
C VAL A 411 9.90 -9.88 22.28
N GLU A 412 10.20 -8.60 22.47
CA GLU A 412 11.13 -7.91 21.61
C GLU A 412 12.06 -6.97 22.39
N PRO A 413 12.83 -7.55 23.32
CA PRO A 413 13.88 -6.75 23.93
C PRO A 413 14.89 -6.29 22.89
N GLY A 414 15.50 -5.14 23.12
CA GLY A 414 16.63 -4.70 22.33
C GLY A 414 17.61 -3.84 23.12
N ILE A 415 18.82 -3.71 22.58
CA ILE A 415 19.82 -2.77 23.07
C ILE A 415 20.28 -1.91 21.91
N TYR A 416 20.24 -0.60 22.09
CA TYR A 416 20.60 0.37 21.06
C TYR A 416 21.52 1.44 21.64
N PHE A 417 22.31 2.04 20.77
CA PHE A 417 23.21 3.12 21.16
C PHE A 417 22.78 4.41 20.47
N ILE A 418 21.89 5.11 21.15
CA ILE A 418 21.23 6.30 20.63
C ILE A 418 21.85 7.56 21.23
N ASP A 419 22.51 8.35 20.39
CA ASP A 419 23.33 9.45 20.87
C ASP A 419 22.64 10.40 21.83
N HIS A 420 21.45 10.88 21.49
CA HIS A 420 20.83 11.91 22.32
C HIS A 420 20.39 11.34 23.68
N LEU A 421 20.13 10.04 23.74
CA LEU A 421 19.80 9.42 25.03
C LEU A 421 21.06 9.19 25.86
N LEU A 422 22.12 8.70 25.22
CA LEU A 422 23.39 8.51 25.89
C LEU A 422 23.91 9.84 26.42
N ASP A 423 23.84 10.88 25.60
CA ASP A 423 24.33 12.19 26.00
C ASP A 423 23.51 12.75 27.16
N GLU A 424 22.19 12.51 27.16
CA GLU A 424 21.34 12.92 28.28
C GLU A 424 21.81 12.26 29.56
N ALA A 425 22.12 10.97 29.48
CA ALA A 425 22.59 10.22 30.63
C ALA A 425 23.93 10.75 31.13
N LEU A 426 24.82 11.07 30.21
CA LEU A 426 26.15 11.56 30.57
C LEU A 426 26.09 12.94 31.23
N ALA A 427 25.03 13.69 30.95
CA ALA A 427 24.85 15.01 31.53
C ALA A 427 24.05 14.96 32.84
N ASP A 428 23.61 13.76 33.21
CA ASP A 428 22.79 13.57 34.40
C ASP A 428 23.63 12.94 35.53
N PRO A 429 23.90 13.70 36.60
CA PRO A 429 24.70 13.15 37.70
C PRO A 429 24.16 11.83 38.26
N ALA A 430 22.85 11.64 38.17
CA ALA A 430 22.25 10.43 38.73
C ALA A 430 22.52 9.20 37.85
N ARG A 431 23.04 9.42 36.65
CA ARG A 431 23.26 8.34 35.69
C ARG A 431 24.68 8.30 35.12
N ALA A 432 25.30 9.47 35.00
CA ALA A 432 26.56 9.62 34.27
C ALA A 432 27.70 8.71 34.76
N SER A 433 27.79 8.48 36.06
CA SER A 433 28.92 7.74 36.62
CA SER A 433 28.92 7.74 36.62
C SER A 433 28.91 6.28 36.22
N PHE A 434 27.75 5.76 35.83
CA PHE A 434 27.64 4.36 35.45
C PHE A 434 28.29 4.07 34.09
N LEU A 435 28.38 5.11 33.26
CA LEU A 435 28.86 4.94 31.89
C LEU A 435 30.39 5.08 31.81
N ASN A 436 31.03 4.09 31.20
CA ASN A 436 32.47 4.12 30.93
C ASN A 436 32.76 4.60 29.52
N ARG A 437 33.04 5.88 29.38
CA ARG A 437 33.20 6.50 28.06
C ARG A 437 34.30 5.84 27.23
N GLU A 438 35.37 5.38 27.86
CA GLU A 438 36.48 4.81 27.10
C GLU A 438 36.06 3.51 26.40
N VAL A 439 34.99 2.89 26.89
CA VAL A 439 34.46 1.68 26.26
C VAL A 439 33.26 2.04 25.39
N LEU A 440 32.36 2.85 25.95
CA LEU A 440 31.15 3.29 25.25
C LEU A 440 31.48 3.94 23.90
N GLN A 441 32.59 4.67 23.86
CA GLN A 441 32.97 5.39 22.65
C GLN A 441 33.10 4.43 21.48
N ARG A 442 33.42 3.18 21.78
CA ARG A 442 33.62 2.16 20.76
C ARG A 442 32.30 1.69 20.15
N PHE A 443 31.20 2.01 20.83
CA PHE A 443 29.88 1.54 20.42
C PHE A 443 29.02 2.66 19.86
N ARG A 444 29.56 3.87 19.81
CA ARG A 444 28.85 4.96 19.16
C ARG A 444 28.74 4.61 17.68
N GLY A 445 27.52 4.68 17.14
CA GLY A 445 27.27 4.34 15.75
C GLY A 445 27.13 2.86 15.49
N PHE A 446 27.18 2.06 16.55
CA PHE A 446 26.97 0.62 16.46
C PHE A 446 25.57 0.32 15.91
N GLY A 447 24.62 1.18 16.24
CA GLY A 447 23.23 0.92 15.93
C GLY A 447 22.56 0.21 17.09
N GLY A 448 22.06 -0.99 16.87
CA GLY A 448 21.41 -1.76 17.92
C GLY A 448 21.04 -3.16 17.52
N VAL A 449 20.56 -3.92 18.50
CA VAL A 449 20.10 -5.29 18.33
C VAL A 449 18.69 -5.41 18.90
N ARG A 450 17.78 -6.01 18.13
CA ARG A 450 16.47 -6.38 18.64
C ARG A 450 16.16 -7.80 18.20
N ILE A 451 15.71 -8.61 19.16
CA ILE A 451 15.35 -9.99 18.93
C ILE A 451 13.86 -10.11 19.25
N GLU A 452 13.03 -10.26 18.23
CA GLU A 452 11.58 -10.23 18.40
C GLU A 452 10.93 -11.55 17.99
N GLU A 453 10.28 -12.17 18.98
CA GLU A 453 9.54 -13.42 18.84
C GLU A 453 8.04 -13.16 19.01
N ASP A 454 7.21 -13.97 18.38
CA ASP A 454 5.77 -13.97 18.65
C ASP A 454 5.40 -15.21 19.47
N VAL A 455 4.69 -15.00 20.57
CA VAL A 455 4.33 -16.11 21.46
C VAL A 455 2.86 -16.07 21.86
N VAL A 456 2.36 -17.23 22.22
CA VAL A 456 1.02 -17.40 22.78
C VAL A 456 1.15 -17.78 24.24
N VAL A 457 0.42 -17.10 25.12
CA VAL A 457 0.36 -17.50 26.52
C VAL A 457 -0.52 -18.74 26.61
N THR A 458 0.01 -19.77 27.26
CA THR A 458 -0.71 -21.02 27.44
C THR A 458 -0.93 -21.28 28.93
N ASP A 459 -1.63 -22.36 29.25
CA ASP A 459 -1.87 -22.75 30.63
C ASP A 459 -0.54 -22.95 31.37
N SER A 460 0.43 -23.51 30.68
CA SER A 460 1.68 -23.94 31.31
C SER A 460 2.85 -22.99 31.09
N GLY A 461 2.66 -21.96 30.28
CA GLY A 461 3.72 -21.01 30.00
C GLY A 461 3.43 -20.30 28.68
N ILE A 462 4.21 -20.64 27.66
CA ILE A 462 4.00 -20.07 26.34
C ILE A 462 4.22 -21.09 25.24
N GLU A 463 3.69 -20.76 24.06
CA GLU A 463 4.00 -21.44 22.81
C GLU A 463 4.71 -20.44 21.91
N LEU A 464 5.90 -20.80 21.47
CA LEU A 464 6.67 -19.94 20.59
C LEU A 464 6.21 -20.18 19.16
N LEU A 465 5.77 -19.12 18.49
CA LEU A 465 5.32 -19.20 17.11
C LEU A 465 6.45 -19.03 16.11
N THR A 466 7.35 -18.12 16.42
CA THR A 466 8.45 -17.79 15.53
C THR A 466 9.49 -18.92 15.43
N CYS A 467 10.11 -19.07 14.27
CA CYS A 467 11.07 -20.14 14.03
CA CYS A 467 11.08 -20.13 14.05
C CYS A 467 12.22 -19.67 13.13
N VAL A 468 13.12 -18.88 13.70
CA VAL A 468 14.29 -18.38 13.00
C VAL A 468 15.56 -18.71 13.80
N PRO A 469 16.71 -18.72 13.12
CA PRO A 469 17.96 -18.94 13.85
C PRO A 469 18.20 -17.83 14.87
N ARG A 470 18.69 -18.16 16.05
CA ARG A 470 18.83 -17.18 17.12
C ARG A 470 20.21 -17.14 17.76
N THR A 471 20.86 -18.28 17.93
CA THR A 471 22.20 -18.25 18.52
C THR A 471 23.19 -17.72 17.48
N VAL A 472 24.33 -17.23 17.95
CA VAL A 472 25.40 -16.76 17.04
C VAL A 472 25.74 -17.85 16.03
N GLU A 473 25.86 -19.08 16.52
CA GLU A 473 26.26 -20.20 15.68
C GLU A 473 25.18 -20.46 14.63
N GLU A 474 23.94 -20.49 15.05
CA GLU A 474 22.81 -20.71 14.15
C GLU A 474 22.76 -19.66 13.07
N ILE A 475 22.94 -18.40 13.46
CA ILE A 475 22.83 -17.29 12.54
C ILE A 475 23.96 -17.35 11.51
N GLU A 476 25.18 -17.56 11.97
CA GLU A 476 26.33 -17.60 11.06
C GLU A 476 26.17 -18.75 10.06
N ALA A 477 25.61 -19.88 10.52
CA ALA A 477 25.34 -20.99 9.63
C ALA A 477 24.29 -20.62 8.57
N CYS A 478 23.20 -20.00 9.00
CA CYS A 478 22.12 -19.62 8.09
C CYS A 478 22.65 -18.67 7.01
N MET A 479 23.42 -17.67 7.41
CA MET A 479 23.97 -16.72 6.46
C MET A 479 24.96 -17.38 5.52
N ALA A 480 25.55 -18.49 5.95
CA ALA A 480 26.46 -19.24 5.11
C ALA A 480 25.70 -20.19 4.20
N GLY A 481 24.37 -20.08 4.23
CA GLY A 481 23.51 -20.85 3.34
C GLY A 481 23.07 -22.17 3.93
N CYS A 482 23.23 -22.33 5.24
CA CYS A 482 22.93 -23.60 5.89
C CYS A 482 21.48 -23.70 6.35
N PHE A 486 18.85 -25.18 13.30
CA PHE A 486 18.70 -24.46 14.56
C PHE A 486 17.54 -25.03 15.37
N THR A 487 17.51 -24.69 16.67
CA THR A 487 16.50 -25.22 17.58
C THR A 487 15.94 -24.11 18.47
N PRO A 488 14.63 -23.80 18.34
CA PRO A 488 14.05 -22.74 19.17
C PRO A 488 14.03 -23.08 20.66
N GLY B 6 23.75 20.13 -9.74
CA GLY B 6 22.82 20.20 -8.63
C GLY B 6 22.52 18.83 -8.05
N PRO B 7 21.75 18.80 -6.96
CA PRO B 7 21.39 17.54 -6.30
C PRO B 7 20.44 16.69 -7.13
N SER B 8 20.45 15.38 -6.84
CA SER B 8 19.60 14.42 -7.54
C SER B 8 19.01 13.40 -6.57
N PHE B 9 17.78 12.99 -6.85
CA PHE B 9 17.19 11.82 -6.21
C PHE B 9 17.81 10.58 -6.82
N TRP B 10 18.14 9.61 -5.97
CA TRP B 10 18.77 8.39 -6.43
C TRP B 10 18.60 7.30 -5.38
N LEU B 11 18.31 6.09 -5.82
CA LEU B 11 18.27 4.93 -4.92
C LEU B 11 19.43 3.97 -5.19
N GLY B 12 20.55 4.51 -5.64
CA GLY B 12 21.77 3.73 -5.80
C GLY B 12 21.71 2.67 -6.89
N ASN B 13 22.71 1.80 -6.86
CA ASN B 13 22.84 0.71 -7.81
C ASN B 13 22.68 1.23 -9.26
N GLU B 14 21.77 0.64 -10.03
CA GLU B 14 21.56 1.06 -11.42
C GLU B 14 20.31 1.92 -11.57
N THR B 15 19.80 2.47 -10.47
CA THR B 15 18.58 3.26 -10.52
C THR B 15 18.89 4.64 -11.09
N LEU B 16 17.86 5.30 -11.58
CA LEU B 16 17.99 6.60 -12.26
C LEU B 16 18.26 7.74 -11.28
N LYS B 17 19.24 8.57 -11.61
CA LYS B 17 19.43 9.83 -10.92
C LYS B 17 18.50 10.89 -11.51
N VAL B 18 17.61 11.41 -10.68
CA VAL B 18 16.67 12.44 -11.08
C VAL B 18 17.08 13.79 -10.51
N PRO B 19 17.51 14.74 -11.37
CA PRO B 19 17.89 16.05 -10.84
C PRO B 19 16.72 16.79 -10.24
N LEU B 20 16.94 17.45 -9.11
CA LEU B 20 15.90 18.27 -8.51
C LEU B 20 15.59 19.50 -9.37
N ALA B 21 16.46 19.78 -10.33
CA ALA B 21 16.22 20.84 -11.29
C ALA B 21 14.93 20.59 -12.08
N LEU B 22 14.54 19.32 -12.19
CA LEU B 22 13.28 18.96 -12.83
C LEU B 22 12.14 19.75 -12.21
N PHE B 23 12.09 19.76 -10.89
CA PHE B 23 10.97 20.37 -10.20
C PHE B 23 11.10 21.89 -10.23
N ALA B 24 12.33 22.39 -10.23
CA ALA B 24 12.56 23.82 -10.36
C ALA B 24 12.04 24.33 -11.70
N LEU B 25 12.24 23.53 -12.74
CA LEU B 25 11.74 23.88 -14.07
C LEU B 25 10.22 23.91 -14.08
N ASN B 26 9.60 22.94 -13.41
CA ASN B 26 8.15 22.90 -13.33
C ASN B 26 7.62 24.13 -12.61
N ARG B 27 8.29 24.54 -11.54
CA ARG B 27 7.88 25.75 -10.83
C ARG B 27 8.01 26.97 -11.73
N GLN B 28 9.09 27.01 -12.50
CA GLN B 28 9.31 28.14 -13.39
C GLN B 28 8.23 28.19 -14.46
N ARG B 29 7.93 27.04 -15.04
CA ARG B 29 6.93 26.94 -16.09
C ARG B 29 5.56 27.34 -15.59
N LEU B 30 5.26 26.96 -14.35
CA LEU B 30 3.98 27.33 -13.75
C LEU B 30 3.90 28.84 -13.56
N CYS B 31 4.96 29.45 -13.05
CA CYS B 31 4.98 30.88 -12.85
C CYS B 31 4.84 31.62 -14.17
N GLU B 32 5.52 31.11 -15.19
CA GLU B 32 5.48 31.73 -16.51
C GLU B 32 4.05 31.70 -17.06
N ARG B 33 3.35 30.60 -16.87
CA ARG B 33 1.97 30.50 -17.33
C ARG B 33 1.04 31.42 -16.54
N LEU B 34 1.23 31.48 -15.22
CA LEU B 34 0.39 32.33 -14.39
C LEU B 34 0.56 33.81 -14.73
N ARG B 35 1.79 34.21 -15.03
CA ARG B 35 2.09 35.60 -15.31
C ARG B 35 1.33 36.09 -16.53
N LYS B 36 1.07 35.18 -17.47
CA LYS B 36 0.38 35.53 -18.70
C LYS B 36 -1.14 35.50 -18.54
N ASN B 37 -1.60 35.01 -17.39
CA ASN B 37 -3.03 35.03 -17.08
C ASN B 37 -3.42 36.42 -16.60
N PRO B 38 -4.32 37.11 -17.33
CA PRO B 38 -4.65 38.49 -16.99
C PRO B 38 -5.29 38.66 -15.61
N ALA B 39 -5.86 37.59 -15.08
CA ALA B 39 -6.56 37.65 -13.80
C ALA B 39 -5.60 37.55 -12.62
N VAL B 40 -4.36 37.16 -12.89
CA VAL B 40 -3.37 36.98 -11.83
C VAL B 40 -2.73 38.31 -11.47
N GLN B 41 -2.95 38.73 -10.22
CA GLN B 41 -2.40 39.98 -9.72
C GLN B 41 -0.91 39.84 -9.44
N ALA B 42 -0.19 40.95 -9.55
CA ALA B 42 1.19 41.00 -9.09
C ALA B 42 1.20 40.73 -7.59
N GLY B 43 2.27 40.11 -7.11
CA GLY B 43 2.40 39.82 -5.69
C GLY B 43 1.63 38.59 -5.25
N SER B 44 1.26 37.73 -6.19
CA SER B 44 0.54 36.50 -5.87
C SER B 44 1.51 35.41 -5.43
N ILE B 45 1.03 34.53 -4.55
CA ILE B 45 1.82 33.40 -4.09
C ILE B 45 1.03 32.10 -4.18
N VAL B 46 1.60 31.14 -4.90
CA VAL B 46 1.05 29.80 -4.97
C VAL B 46 1.28 29.11 -3.63
N VAL B 47 0.23 28.57 -3.03
CA VAL B 47 0.34 27.84 -1.78
C VAL B 47 -0.17 26.41 -1.94
N LEU B 48 0.74 25.47 -1.83
CA LEU B 48 0.42 24.05 -1.91
C LEU B 48 0.68 23.34 -0.58
N GLN B 49 -0.18 22.38 -0.26
CA GLN B 49 -0.03 21.58 0.94
C GLN B 49 0.28 20.14 0.55
N GLY B 50 1.36 19.61 1.12
CA GLY B 50 1.77 18.25 0.86
C GLY B 50 0.90 17.23 1.58
N GLY B 51 1.05 15.98 1.21
CA GLY B 51 0.34 14.90 1.86
C GLY B 51 0.82 14.72 3.29
N GLU B 52 -0.06 14.17 4.12
CA GLU B 52 0.27 13.86 5.51
CA GLU B 52 0.26 13.86 5.51
C GLU B 52 0.31 12.34 5.70
N GLU B 53 1.01 11.90 6.73
CA GLU B 53 1.09 10.48 7.05
CA GLU B 53 1.07 10.46 6.99
C GLU B 53 -0.27 9.99 7.52
N THR B 54 -0.62 8.76 7.17
CA THR B 54 -1.89 8.17 7.57
C THR B 54 -1.67 6.77 8.14
N GLN B 55 -2.69 6.28 8.83
CA GLN B 55 -2.70 4.93 9.39
CA GLN B 55 -2.69 4.93 9.38
C GLN B 55 -3.91 4.17 8.88
N ARG B 56 -3.92 2.86 9.06
CA ARG B 56 -5.08 2.06 8.68
C ARG B 56 -6.23 2.34 9.65
N TYR B 57 -7.30 2.96 9.16
CA TYR B 57 -8.49 3.19 9.97
C TYR B 57 -8.09 3.85 11.31
N CYS B 58 -8.50 3.28 12.43
CA CYS B 58 -8.21 3.86 13.74
C CYS B 58 -7.04 3.16 14.42
N THR B 59 -6.34 2.31 13.67
CA THR B 59 -5.21 1.55 14.19
C THR B 59 -3.97 2.42 14.26
N ASP B 60 -2.89 1.86 14.80
CA ASP B 60 -1.64 2.63 14.76
CA ASP B 60 -1.59 2.48 14.87
C ASP B 60 -0.71 2.02 13.70
N THR B 61 -1.30 1.30 12.76
CA THR B 61 -0.55 0.74 11.64
C THR B 61 -0.34 1.80 10.55
N GLY B 62 0.90 2.28 10.44
CA GLY B 62 1.23 3.29 9.46
C GLY B 62 1.05 2.77 8.03
N VAL B 63 0.54 3.64 7.16
CA VAL B 63 0.47 3.39 5.74
C VAL B 63 1.69 4.04 5.08
N LEU B 64 2.35 3.33 4.18
CA LEU B 64 3.53 3.89 3.50
C LEU B 64 3.15 5.15 2.75
N PHE B 65 3.81 6.26 3.08
CA PHE B 65 3.47 7.56 2.52
C PHE B 65 3.95 7.72 1.06
N ARG B 66 3.04 8.18 0.22
CA ARG B 66 3.31 8.53 -1.17
C ARG B 66 2.77 9.93 -1.37
N GLN B 67 3.62 10.81 -1.89
CA GLN B 67 3.33 12.24 -1.94
C GLN B 67 2.15 12.56 -2.85
N GLU B 68 1.41 13.61 -2.52
CA GLU B 68 0.32 14.09 -3.35
C GLU B 68 0.90 14.56 -4.70
N SER B 69 0.16 14.33 -5.78
CA SER B 69 0.74 14.45 -7.11
C SER B 69 1.09 15.88 -7.53
N PHE B 70 0.19 16.83 -7.29
CA PHE B 70 0.50 18.21 -7.63
C PHE B 70 1.71 18.70 -6.83
N PHE B 71 1.75 18.36 -5.54
CA PHE B 71 2.83 18.81 -4.68
C PHE B 71 4.16 18.22 -5.15
N HIS B 72 4.13 16.95 -5.52
CA HIS B 72 5.31 16.29 -6.04
C HIS B 72 5.78 16.95 -7.33
N TRP B 73 4.85 17.22 -8.23
CA TRP B 73 5.17 17.84 -9.51
C TRP B 73 5.94 19.15 -9.31
N ALA B 74 5.55 19.90 -8.30
CA ALA B 74 6.15 21.20 -8.05
C ALA B 74 7.45 21.13 -7.23
N PHE B 75 7.57 20.17 -6.32
CA PHE B 75 8.68 20.18 -5.35
C PHE B 75 9.47 18.88 -5.22
N GLY B 76 8.88 17.75 -5.59
CA GLY B 76 9.57 16.46 -5.52
C GLY B 76 9.88 16.02 -4.09
N VAL B 77 9.13 16.54 -3.13
CA VAL B 77 9.36 16.25 -1.71
C VAL B 77 8.74 14.92 -1.29
N THR B 78 9.54 14.10 -0.61
CA THR B 78 9.12 12.77 -0.17
C THR B 78 8.62 12.70 1.28
N GLU B 79 8.94 13.71 2.08
CA GLU B 79 8.54 13.71 3.49
C GLU B 79 7.09 14.15 3.69
N PRO B 80 6.37 13.49 4.61
CA PRO B 80 4.99 13.92 4.90
C PRO B 80 4.93 15.20 5.74
N GLY B 81 3.81 15.91 5.65
CA GLY B 81 3.53 17.03 6.52
C GLY B 81 4.11 18.37 6.11
N CYS B 82 4.55 18.48 4.86
CA CYS B 82 5.13 19.72 4.35
C CYS B 82 4.12 20.63 3.65
N TYR B 83 4.49 21.91 3.52
CA TYR B 83 3.85 22.84 2.61
C TYR B 83 4.91 23.40 1.68
N GLY B 84 4.49 23.98 0.57
CA GLY B 84 5.40 24.60 -0.37
C GLY B 84 4.75 25.78 -1.03
N VAL B 85 5.46 26.91 -1.10
CA VAL B 85 4.93 28.10 -1.74
C VAL B 85 5.87 28.62 -2.82
N ILE B 86 5.29 29.35 -3.77
CA ILE B 86 6.03 29.90 -4.89
C ILE B 86 5.58 31.32 -5.15
N ASP B 87 6.52 32.26 -5.08
CA ASP B 87 6.23 33.64 -5.44
C ASP B 87 6.12 33.75 -6.95
N VAL B 88 4.94 34.09 -7.45
CA VAL B 88 4.67 34.06 -8.89
C VAL B 88 5.57 35.04 -9.64
N ASP B 89 5.75 36.23 -9.09
CA ASP B 89 6.48 37.29 -9.78
C ASP B 89 7.97 36.98 -9.91
N THR B 90 8.56 36.37 -8.89
CA THR B 90 9.99 36.12 -8.85
C THR B 90 10.34 34.65 -9.10
N GLY B 91 9.38 33.78 -8.84
CA GLY B 91 9.60 32.35 -8.95
C GLY B 91 10.24 31.75 -7.71
N LYS B 92 10.46 32.57 -6.68
CA LYS B 92 11.12 32.10 -5.47
C LYS B 92 10.28 31.04 -4.76
N SER B 93 10.95 29.97 -4.33
CA SER B 93 10.30 28.84 -3.69
C SER B 93 10.71 28.69 -2.22
N THR B 94 9.71 28.48 -1.37
CA THR B 94 9.93 28.22 0.04
C THR B 94 9.24 26.92 0.43
N LEU B 95 10.02 26.01 1.03
CA LEU B 95 9.50 24.74 1.53
C LEU B 95 9.30 24.85 3.03
N PHE B 96 8.17 24.34 3.51
CA PHE B 96 7.88 24.30 4.94
C PHE B 96 7.90 22.85 5.40
N VAL B 97 8.74 22.58 6.40
CA VAL B 97 8.93 21.23 6.91
C VAL B 97 8.48 21.15 8.38
N PRO B 98 8.02 19.98 8.82
CA PRO B 98 7.57 19.89 10.21
C PRO B 98 8.71 20.10 11.22
N ARG B 99 8.43 20.85 12.28
CA ARG B 99 9.36 20.95 13.42
C ARG B 99 9.18 19.70 14.27
N LEU B 100 10.14 18.78 14.23
CA LEU B 100 9.96 17.47 14.83
C LEU B 100 10.39 17.43 16.30
N PRO B 101 9.71 16.57 17.11
CA PRO B 101 10.05 16.38 18.53
C PRO B 101 11.30 15.53 18.70
N ALA B 102 11.96 15.66 19.85
CA ALA B 102 13.19 14.96 20.14
C ALA B 102 13.06 13.46 19.96
N SER B 103 11.91 12.92 20.33
CA SER B 103 11.69 11.48 20.30
C SER B 103 11.71 10.94 18.86
N HIS B 104 11.59 11.83 17.88
CA HIS B 104 11.67 11.42 16.49
C HIS B 104 13.02 10.77 16.25
N ALA B 105 14.05 11.30 16.91
CA ALA B 105 15.41 10.79 16.74
C ALA B 105 15.52 9.34 17.14
N THR B 106 14.70 8.93 18.12
CA THR B 106 14.68 7.54 18.56
C THR B 106 13.89 6.64 17.63
N TRP B 107 12.67 7.05 17.27
CA TRP B 107 11.74 6.16 16.58
C TRP B 107 11.82 6.20 15.05
N MET B 108 12.09 7.36 14.50
CA MET B 108 11.93 7.61 13.07
C MET B 108 13.23 7.91 12.32
N GLY B 109 14.17 8.58 12.98
CA GLY B 109 15.47 8.81 12.39
C GLY B 109 15.99 10.22 12.64
N LYS B 110 17.05 10.57 11.94
CA LYS B 110 17.74 11.83 12.16
C LYS B 110 16.80 13.02 11.98
N ILE B 111 16.90 14.01 12.86
CA ILE B 111 16.14 15.23 12.73
C ILE B 111 16.98 16.22 11.90
N HIS B 112 16.73 16.24 10.60
CA HIS B 112 17.51 17.05 9.68
C HIS B 112 17.24 18.54 9.88
N SER B 113 18.27 19.34 9.64
CA SER B 113 18.16 20.78 9.73
C SER B 113 17.40 21.34 8.53
N LYS B 114 16.93 22.58 8.68
CA LYS B 114 16.30 23.28 7.57
C LYS B 114 17.29 23.42 6.41
N GLU B 115 18.54 23.70 6.72
CA GLU B 115 19.57 23.85 5.69
C GLU B 115 19.75 22.55 4.90
N HIS B 116 19.64 21.42 5.58
CA HIS B 116 19.70 20.12 4.91
C HIS B 116 18.63 20.01 3.83
N PHE B 117 17.40 20.39 4.18
CA PHE B 117 16.30 20.27 3.23
C PHE B 117 16.47 21.25 2.07
N LYS B 118 16.90 22.47 2.37
CA LYS B 118 17.15 23.46 1.34
C LYS B 118 18.12 22.92 0.29
N GLU B 119 19.19 22.30 0.75
CA GLU B 119 20.20 21.74 -0.14
C GLU B 119 19.67 20.51 -0.85
N LYS B 120 18.89 19.71 -0.14
CA LYS B 120 18.36 18.48 -0.70
C LYS B 120 17.41 18.73 -1.88
N TYR B 121 16.59 19.77 -1.76
CA TYR B 121 15.52 20.01 -2.73
C TYR B 121 15.79 21.22 -3.63
N ALA B 122 16.89 21.91 -3.34
CA ALA B 122 17.34 23.05 -4.11
C ALA B 122 16.25 24.11 -4.24
N VAL B 123 15.65 24.45 -3.10
CA VAL B 123 14.68 25.53 -3.02
C VAL B 123 15.38 26.78 -2.52
N ASP B 124 14.70 27.92 -2.60
CA ASP B 124 15.31 29.19 -2.21
C ASP B 124 15.32 29.40 -0.70
N ASP B 125 14.36 28.80 0.00
CA ASP B 125 14.28 28.95 1.45
C ASP B 125 13.54 27.78 2.08
N VAL B 126 13.85 27.51 3.35
CA VAL B 126 13.14 26.51 4.13
C VAL B 126 12.78 27.10 5.49
N GLN B 127 11.54 26.86 5.90
CA GLN B 127 11.02 27.30 7.18
C GLN B 127 10.24 26.16 7.81
N TYR B 128 9.85 26.33 9.07
CA TYR B 128 9.02 25.33 9.73
C TYR B 128 7.54 25.58 9.45
N VAL B 129 6.78 24.50 9.40
CA VAL B 129 5.35 24.56 9.10
C VAL B 129 4.59 25.46 10.07
N ASP B 130 4.96 25.45 11.34
CA ASP B 130 4.24 26.24 12.34
C ASP B 130 4.47 27.74 12.17
N GLU B 131 5.34 28.13 11.24
CA GLU B 131 5.63 29.54 10.99
C GLU B 131 5.08 30.05 9.66
N ILE B 132 4.25 29.25 9.00
CA ILE B 132 3.82 29.58 7.64
C ILE B 132 3.03 30.90 7.59
N ALA B 133 2.13 31.11 8.54
CA ALA B 133 1.34 32.33 8.57
C ALA B 133 2.22 33.57 8.75
N SER B 134 3.22 33.46 9.61
CA SER B 134 4.12 34.57 9.87
CA SER B 134 4.11 34.57 9.87
C SER B 134 4.98 34.89 8.66
N VAL B 135 5.50 33.85 8.02
CA VAL B 135 6.37 34.01 6.88
C VAL B 135 5.60 34.63 5.71
N LEU B 136 4.40 34.12 5.45
CA LEU B 136 3.59 34.64 4.35
C LEU B 136 3.19 36.08 4.63
N THR B 137 2.86 36.39 5.88
CA THR B 137 2.49 37.74 6.26
C THR B 137 3.62 38.72 5.95
N SER B 138 4.85 38.33 6.26
CA SER B 138 6.00 39.20 6.06
CA SER B 138 6.01 39.20 6.06
C SER B 138 6.22 39.51 4.58
N GLN B 139 5.74 38.63 3.71
CA GLN B 139 5.88 38.83 2.27
C GLN B 139 4.82 39.77 1.72
N LYS B 140 3.76 40.00 2.48
CA LYS B 140 2.69 40.91 2.09
C LYS B 140 2.17 40.61 0.68
N PRO B 141 1.60 39.41 0.48
CA PRO B 141 1.08 39.04 -0.82
C PRO B 141 -0.23 39.74 -1.14
N SER B 142 -0.52 39.91 -2.41
CA SER B 142 -1.81 40.39 -2.85
C SER B 142 -2.86 39.32 -2.59
N VAL B 143 -2.56 38.11 -3.04
CA VAL B 143 -3.50 37.00 -2.92
C VAL B 143 -2.75 35.67 -2.88
N LEU B 144 -3.30 34.71 -2.15
CA LEU B 144 -2.80 33.34 -2.16
C LEU B 144 -3.58 32.52 -3.17
N LEU B 145 -2.84 31.88 -4.08
CA LEU B 145 -3.44 31.02 -5.08
C LEU B 145 -3.39 29.58 -4.61
N THR B 146 -4.56 29.04 -4.29
CA THR B 146 -4.65 27.67 -3.80
C THR B 146 -5.29 26.76 -4.84
N LEU B 147 -5.18 25.46 -4.59
CA LEU B 147 -5.50 24.44 -5.56
C LEU B 147 -6.84 23.77 -5.26
N ARG B 148 -7.83 24.04 -6.11
CA ARG B 148 -9.13 23.38 -6.03
C ARG B 148 -9.70 23.17 -7.42
N GLY B 149 -10.13 21.95 -7.68
CA GLY B 149 -10.69 21.60 -8.97
C GLY B 149 -11.15 20.16 -8.96
N VAL B 150 -11.73 19.73 -10.08
CA VAL B 150 -12.29 18.39 -10.20
C VAL B 150 -11.46 17.52 -11.12
N ASN B 151 -11.04 16.37 -10.62
CA ASN B 151 -10.40 15.35 -11.43
C ASN B 151 -11.43 14.69 -12.32
N THR B 152 -11.18 14.65 -13.62
CA THR B 152 -12.21 14.24 -14.57
C THR B 152 -12.28 12.72 -14.78
N ASP B 153 -11.38 11.99 -14.11
CA ASP B 153 -11.42 10.53 -14.10
C ASP B 153 -12.08 10.01 -12.83
N SER B 154 -11.70 10.56 -11.68
CA SER B 154 -12.24 10.11 -10.40
C SER B 154 -13.54 10.83 -10.04
N GLY B 155 -13.67 12.07 -10.49
CA GLY B 155 -14.78 12.92 -10.11
C GLY B 155 -14.57 13.56 -8.75
N SER B 156 -13.41 13.30 -8.14
CA SER B 156 -13.09 13.85 -6.83
C SER B 156 -12.66 15.30 -6.90
N VAL B 157 -12.99 16.05 -5.86
CA VAL B 157 -12.59 17.43 -5.73
C VAL B 157 -11.26 17.48 -5.01
N CYS B 158 -10.26 18.06 -5.66
CA CYS B 158 -8.96 18.25 -5.03
C CYS B 158 -9.11 19.35 -3.98
N ARG B 159 -8.71 19.04 -2.76
CA ARG B 159 -8.88 19.95 -1.63
C ARG B 159 -7.73 20.95 -1.52
N GLU B 160 -8.07 22.22 -1.33
CA GLU B 160 -7.06 23.26 -1.29
C GLU B 160 -6.30 23.28 0.02
N ALA B 161 -5.12 23.89 -0.02
CA ALA B 161 -4.28 24.03 1.15
C ALA B 161 -4.99 24.85 2.21
N SER B 162 -4.70 24.53 3.48
CA SER B 162 -5.20 25.31 4.58
C SER B 162 -4.19 25.30 5.72
N PHE B 163 -4.11 26.40 6.45
CA PHE B 163 -3.28 26.46 7.64
C PHE B 163 -3.90 27.46 8.60
N ASP B 164 -3.53 27.35 9.87
CA ASP B 164 -4.05 28.27 10.87
CA ASP B 164 -4.06 28.27 10.87
C ASP B 164 -3.64 29.70 10.53
N GLY B 165 -4.63 30.56 10.33
CA GLY B 165 -4.40 31.95 10.01
C GLY B 165 -4.56 32.29 8.54
N ILE B 166 -4.94 31.30 7.72
CA ILE B 166 -5.10 31.57 6.29
C ILE B 166 -6.32 32.46 6.05
N SER B 167 -7.26 32.49 6.99
CA SER B 167 -8.49 33.27 6.85
C SER B 167 -8.21 34.76 6.80
N LYS B 168 -7.04 35.17 7.27
CA LYS B 168 -6.67 36.57 7.29
C LYS B 168 -6.05 37.01 5.97
N PHE B 169 -5.90 36.06 5.04
CA PHE B 169 -5.38 36.35 3.71
C PHE B 169 -6.48 36.40 2.67
N GLU B 170 -6.20 37.06 1.55
CA GLU B 170 -7.06 36.99 0.38
C GLU B 170 -6.69 35.73 -0.40
N VAL B 171 -7.66 34.83 -0.54
CA VAL B 171 -7.43 33.54 -1.19
C VAL B 171 -8.29 33.35 -2.43
N ASN B 172 -7.64 32.93 -3.51
CA ASN B 172 -8.31 32.52 -4.73
C ASN B 172 -8.07 31.05 -5.00
N ASN B 173 -9.13 30.29 -5.21
CA ASN B 173 -9.01 28.85 -5.41
C ASN B 173 -9.51 28.37 -6.78
N THR B 174 -9.64 29.29 -7.74
CA THR B 174 -10.17 28.94 -9.06
C THR B 174 -9.11 29.00 -10.16
N ILE B 175 -8.21 29.96 -10.08
CA ILE B 175 -7.21 30.18 -11.12
C ILE B 175 -6.20 29.04 -11.27
N LEU B 176 -5.69 28.55 -10.14
CA LEU B 176 -4.50 27.70 -10.17
C LEU B 176 -4.70 26.34 -10.81
N HIS B 177 -5.81 25.67 -10.51
CA HIS B 177 -5.97 24.28 -10.92
C HIS B 177 -5.86 24.09 -12.45
N PRO B 178 -6.61 24.88 -13.24
CA PRO B 178 -6.49 24.70 -14.69
C PRO B 178 -5.08 24.96 -15.23
N GLU B 179 -4.37 25.89 -14.61
CA GLU B 179 -3.06 26.29 -15.09
C GLU B 179 -1.99 25.24 -14.79
N ILE B 180 -1.93 24.75 -13.56
CA ILE B 180 -0.95 23.74 -13.22
C ILE B 180 -1.26 22.43 -13.95
N VAL B 181 -2.55 22.11 -14.09
CA VAL B 181 -2.94 20.94 -14.86
C VAL B 181 -2.38 21.03 -16.28
N GLU B 182 -2.50 22.21 -16.89
CA GLU B 182 -2.07 22.37 -18.27
C GLU B 182 -0.56 22.20 -18.37
N CYS B 183 0.19 22.66 -17.38
CA CYS B 183 1.64 22.44 -17.36
C CYS B 183 1.97 20.95 -17.29
N GLN B 184 1.24 20.20 -16.46
CA GLN B 184 1.51 18.78 -16.29
C GLN B 184 1.26 17.97 -17.55
N VAL B 185 0.36 18.47 -18.40
CA VAL B 185 0.02 17.75 -19.63
C VAL B 185 1.23 17.65 -20.56
N PHE B 186 2.08 18.65 -20.52
CA PHE B 186 3.25 18.70 -21.39
C PHE B 186 4.52 18.41 -20.60
N LYS B 187 5.17 17.30 -20.93
CA LYS B 187 6.34 16.84 -20.18
C LYS B 187 7.62 17.49 -20.67
N THR B 188 8.44 17.92 -19.71
CA THR B 188 9.76 18.46 -20.02
C THR B 188 10.69 17.32 -20.42
N ASP B 189 11.85 17.66 -20.96
CA ASP B 189 12.83 16.63 -21.33
C ASP B 189 13.28 15.85 -20.09
N MET B 190 13.42 16.55 -18.96
CA MET B 190 13.80 15.89 -17.73
C MET B 190 12.72 14.91 -17.26
N GLU B 191 11.45 15.31 -17.36
CA GLU B 191 10.37 14.40 -17.01
C GLU B 191 10.38 13.19 -17.94
N LEU B 192 10.62 13.43 -19.23
CA LEU B 192 10.62 12.33 -20.21
C LEU B 192 11.72 11.33 -19.90
N GLU B 193 12.85 11.80 -19.38
CA GLU B 193 13.93 10.89 -19.00
C GLU B 193 13.45 9.92 -17.92
N VAL B 194 12.67 10.40 -16.97
CA VAL B 194 12.16 9.52 -15.92
C VAL B 194 11.16 8.51 -16.49
N LEU B 195 10.28 8.99 -17.36
CA LEU B 195 9.29 8.11 -17.97
C LEU B 195 9.93 7.07 -18.90
N ARG B 196 11.05 7.43 -19.51
CA ARG B 196 11.81 6.44 -20.28
C ARG B 196 12.31 5.35 -19.33
N TYR B 197 12.77 5.77 -18.16
CA TYR B 197 13.31 4.84 -17.17
C TYR B 197 12.22 3.94 -16.60
N THR B 198 11.07 4.51 -16.25
CA THR B 198 10.01 3.70 -15.67
C THR B 198 9.57 2.66 -16.69
N ASN B 199 9.52 3.05 -17.97
CA ASN B 199 9.16 2.09 -19.01
C ASN B 199 10.24 1.04 -19.19
N LYS B 200 11.49 1.44 -19.05
CA LYS B 200 12.59 0.48 -19.19
C LYS B 200 12.49 -0.61 -18.13
N ILE B 201 12.40 -0.23 -16.87
CA ILE B 201 12.34 -1.22 -15.80
C ILE B 201 11.09 -2.09 -15.93
N SER B 202 9.94 -1.48 -16.13
CA SER B 202 8.70 -2.24 -16.23
C SER B 202 8.72 -3.18 -17.43
N SER B 203 9.32 -2.74 -18.53
CA SER B 203 9.45 -3.60 -19.69
C SER B 203 10.32 -4.81 -19.36
N GLU B 204 11.44 -4.57 -18.69
CA GLU B 204 12.30 -5.66 -18.25
C GLU B 204 11.52 -6.63 -17.36
N ALA B 205 10.76 -6.08 -16.42
CA ALA B 205 9.98 -6.91 -15.50
C ALA B 205 8.92 -7.74 -16.23
N HIS B 206 8.22 -7.12 -17.18
CA HIS B 206 7.28 -7.86 -18.01
C HIS B 206 7.95 -9.04 -18.73
N ARG B 207 9.16 -8.80 -19.24
CA ARG B 207 9.91 -9.86 -19.90
C ARG B 207 10.24 -11.00 -18.92
N GLU B 208 10.67 -10.66 -17.72
CA GLU B 208 10.97 -11.68 -16.73
C GLU B 208 9.70 -12.47 -16.40
N VAL B 209 8.58 -11.76 -16.33
CA VAL B 209 7.31 -12.43 -16.03
C VAL B 209 6.97 -13.43 -17.14
N MET B 210 7.04 -12.98 -18.39
CA MET B 210 6.77 -13.86 -19.53
C MET B 210 7.67 -15.10 -19.53
N LYS B 211 8.92 -14.92 -19.13
CA LYS B 211 9.86 -16.03 -19.06
C LYS B 211 9.52 -16.96 -17.90
N ALA B 212 8.92 -16.43 -16.85
CA ALA B 212 8.66 -17.19 -15.63
C ALA B 212 7.33 -17.93 -15.62
N VAL B 213 6.35 -17.45 -16.38
CA VAL B 213 5.02 -18.03 -16.34
C VAL B 213 5.05 -19.51 -16.66
N LYS B 214 4.38 -20.29 -15.83
CA LYS B 214 4.17 -21.70 -16.05
C LYS B 214 2.74 -22.04 -15.74
N VAL B 215 2.17 -22.96 -16.51
CA VAL B 215 0.88 -23.53 -16.21
C VAL B 215 0.90 -24.07 -14.79
N GLY B 216 -0.16 -23.79 -14.04
CA GLY B 216 -0.29 -24.27 -12.68
C GLY B 216 0.02 -23.22 -11.64
N MET B 217 0.66 -22.12 -12.05
CA MET B 217 0.94 -21.01 -11.13
C MET B 217 -0.32 -20.19 -10.86
N LYS B 218 -0.37 -19.57 -9.69
CA LYS B 218 -1.37 -18.56 -9.41
C LYS B 218 -0.97 -17.23 -10.04
N GLU B 219 -1.97 -16.49 -10.54
CA GLU B 219 -1.75 -15.18 -11.11
C GLU B 219 -0.89 -14.29 -10.21
N TYR B 220 -1.18 -14.31 -8.91
CA TYR B 220 -0.52 -13.39 -8.00
C TYR B 220 0.99 -13.69 -7.87
N GLU B 221 1.41 -14.91 -8.20
CA GLU B 221 2.84 -15.22 -8.19
C GLU B 221 3.62 -14.33 -9.18
N LEU B 222 2.97 -13.97 -10.28
CA LEU B 222 3.59 -13.10 -11.28
C LEU B 222 3.48 -11.65 -10.88
N GLU B 223 2.38 -11.30 -10.22
CA GLU B 223 2.25 -9.99 -9.62
C GLU B 223 3.43 -9.76 -8.68
N SER B 224 3.70 -10.76 -7.86
CA SER B 224 4.75 -10.66 -6.85
C SER B 224 6.13 -10.50 -7.52
N LEU B 225 6.36 -11.33 -8.52
CA LEU B 225 7.63 -11.31 -9.26
C LEU B 225 7.85 -9.96 -9.93
N PHE B 226 6.82 -9.44 -10.59
CA PHE B 226 6.89 -8.15 -11.24
C PHE B 226 7.30 -7.05 -10.26
N GLU B 227 6.60 -6.96 -9.13
CA GLU B 227 6.86 -5.90 -8.17
C GLU B 227 8.24 -6.07 -7.54
N HIS B 228 8.66 -7.31 -7.37
CA HIS B 228 9.98 -7.59 -6.81
C HIS B 228 11.09 -7.13 -7.77
N TYR B 229 10.93 -7.43 -9.05
CA TYR B 229 11.89 -6.95 -10.05
C TYR B 229 11.95 -5.43 -10.04
N CYS B 230 10.79 -4.79 -10.06
CA CYS B 230 10.74 -3.35 -10.12
C CYS B 230 11.36 -2.69 -8.90
N TYR B 231 11.15 -3.27 -7.72
CA TYR B 231 11.68 -2.66 -6.51
C TYR B 231 13.18 -2.93 -6.40
N SER B 232 13.56 -4.20 -6.45
CA SER B 232 14.94 -4.58 -6.18
C SER B 232 15.90 -4.11 -7.27
N ARG B 233 15.44 -4.08 -8.53
CA ARG B 233 16.31 -3.68 -9.64
C ARG B 233 16.08 -2.23 -10.08
N GLY B 234 14.88 -1.71 -9.84
CA GLY B 234 14.52 -0.39 -10.31
C GLY B 234 14.35 0.65 -9.23
N GLY B 235 14.36 0.23 -7.98
CA GLY B 235 14.12 1.15 -6.89
C GLY B 235 12.66 1.60 -6.80
N MET B 236 11.77 0.84 -7.42
CA MET B 236 10.35 1.22 -7.46
C MET B 236 9.62 0.62 -6.27
N ARG B 237 9.48 1.40 -5.21
CA ARG B 237 8.87 0.90 -3.98
C ARG B 237 7.36 0.72 -4.16
N HIS B 238 6.79 1.57 -5.02
CA HIS B 238 5.36 1.56 -5.35
C HIS B 238 5.10 1.09 -6.78
N SER B 239 3.94 0.50 -7.01
CA SER B 239 3.42 0.33 -8.37
C SER B 239 2.58 1.56 -8.73
N SER B 240 2.35 1.77 -10.02
CA SER B 240 1.57 2.91 -10.50
C SER B 240 0.07 2.68 -10.27
N TYR B 241 -0.29 1.41 -10.12
CA TYR B 241 -1.68 0.97 -9.93
C TYR B 241 -1.62 -0.48 -9.52
N THR B 242 -2.72 -1.01 -8.99
CA THR B 242 -2.76 -2.40 -8.60
C THR B 242 -2.59 -3.29 -9.83
N CYS B 243 -1.62 -4.20 -9.75
CA CYS B 243 -1.33 -5.13 -10.84
C CYS B 243 -2.57 -5.90 -11.28
N ILE B 244 -2.75 -5.92 -12.59
CA ILE B 244 -3.81 -6.68 -13.23
C ILE B 244 -3.21 -7.93 -13.87
N CYS B 245 -3.44 -9.09 -13.26
CA CYS B 245 -2.88 -10.33 -13.77
C CYS B 245 -3.99 -11.31 -14.15
N GLY B 246 -4.64 -11.05 -15.28
CA GLY B 246 -5.81 -11.81 -15.68
C GLY B 246 -5.51 -12.98 -16.60
N SER B 247 -5.77 -14.19 -16.13
CA SER B 247 -5.63 -15.39 -16.93
C SER B 247 -6.98 -15.98 -17.30
N GLY B 248 -7.03 -16.64 -18.45
CA GLY B 248 -8.27 -17.22 -18.94
C GLY B 248 -9.35 -16.17 -19.06
N GLU B 249 -10.55 -16.52 -18.62
CA GLU B 249 -11.69 -15.61 -18.72
C GLU B 249 -11.47 -14.29 -17.97
N ASN B 250 -10.57 -14.28 -16.99
CA ASN B 250 -10.29 -13.05 -16.28
C ASN B 250 -9.66 -11.95 -17.14
N SER B 251 -9.09 -12.32 -18.28
CA SER B 251 -8.47 -11.32 -19.16
C SER B 251 -9.54 -10.45 -19.83
N ALA B 252 -10.80 -10.85 -19.73
CA ALA B 252 -11.92 -10.01 -20.19
C ALA B 252 -12.38 -8.97 -19.15
N VAL B 253 -11.82 -9.04 -17.95
CA VAL B 253 -12.14 -8.10 -16.87
C VAL B 253 -11.09 -7.00 -16.81
N LEU B 254 -11.47 -5.78 -17.17
CA LEU B 254 -10.47 -4.75 -17.53
C LEU B 254 -9.50 -4.37 -16.41
N HIS B 255 -10.04 -4.21 -15.20
CA HIS B 255 -9.23 -3.87 -14.02
C HIS B 255 -9.30 -4.98 -12.99
N TYR B 256 -9.25 -6.22 -13.46
CA TYR B 256 -9.09 -7.38 -12.61
C TYR B 256 -7.90 -7.18 -11.64
N GLY B 257 -7.93 -7.85 -10.49
CA GLY B 257 -6.81 -7.83 -9.54
C GLY B 257 -7.03 -7.10 -8.23
N HIS B 258 -8.07 -6.28 -8.18
CA HIS B 258 -8.44 -5.57 -6.97
C HIS B 258 -8.88 -6.54 -5.87
N ALA B 259 -9.18 -6.01 -4.68
CA ALA B 259 -9.49 -6.84 -3.52
C ALA B 259 -10.65 -7.83 -3.75
N GLY B 260 -11.63 -7.45 -4.55
CA GLY B 260 -12.77 -8.31 -4.84
C GLY B 260 -12.50 -9.40 -5.87
N ALA B 261 -11.39 -9.27 -6.60
CA ALA B 261 -10.97 -10.26 -7.59
C ALA B 261 -9.44 -10.32 -7.62
N PRO B 262 -8.84 -10.83 -6.55
CA PRO B 262 -7.43 -10.54 -6.23
C PRO B 262 -6.39 -11.48 -6.86
N ASN B 263 -6.38 -11.56 -8.19
CA ASN B 263 -5.34 -12.34 -8.89
C ASN B 263 -5.14 -13.75 -8.32
N ASP B 264 -6.24 -14.43 -8.03
CA ASP B 264 -6.17 -15.69 -7.29
C ASP B 264 -6.60 -16.91 -8.09
N ARG B 265 -6.59 -16.79 -9.42
CA ARG B 265 -6.89 -17.92 -10.29
C ARG B 265 -5.62 -18.67 -10.70
N THR B 266 -5.74 -19.99 -10.75
CA THR B 266 -4.67 -20.85 -11.25
C THR B 266 -4.63 -20.78 -12.78
N ILE B 267 -3.45 -20.48 -13.31
CA ILE B 267 -3.24 -20.43 -14.76
C ILE B 267 -3.30 -21.82 -15.36
N GLN B 268 -4.11 -21.99 -16.40
CA GLN B 268 -4.35 -23.29 -16.99
C GLN B 268 -3.79 -23.39 -18.41
N ASN B 269 -3.46 -24.61 -18.83
CA ASN B 269 -3.04 -24.87 -20.19
C ASN B 269 -4.13 -24.37 -21.14
N GLY B 270 -3.74 -23.58 -22.14
CA GLY B 270 -4.68 -23.04 -23.09
C GLY B 270 -5.16 -21.62 -22.79
N ASP B 271 -4.96 -21.15 -21.57
CA ASP B 271 -5.31 -19.78 -21.21
C ASP B 271 -4.55 -18.74 -22.00
N MET B 272 -5.21 -17.63 -22.30
CA MET B 272 -4.49 -16.40 -22.57
C MET B 272 -4.25 -15.67 -21.24
N CYS B 273 -3.15 -14.95 -21.18
CA CYS B 273 -2.83 -14.10 -20.06
C CYS B 273 -2.84 -12.65 -20.54
N LEU B 274 -3.39 -11.79 -19.70
CA LEU B 274 -3.36 -10.37 -19.93
C LEU B 274 -2.82 -9.75 -18.66
N PHE B 275 -1.57 -9.33 -18.72
CA PHE B 275 -0.88 -8.73 -17.57
C PHE B 275 -0.63 -7.25 -17.79
N ASP B 276 -1.33 -6.44 -17.01
CA ASP B 276 -1.26 -4.99 -17.08
C ASP B 276 -0.62 -4.52 -15.77
N MET B 277 0.65 -4.12 -15.86
CA MET B 277 1.44 -3.82 -14.67
C MET B 277 2.46 -2.73 -14.99
N GLY B 278 2.71 -1.86 -14.01
CA GLY B 278 3.60 -0.74 -14.22
C GLY B 278 4.17 -0.19 -12.92
N GLY B 279 5.49 -0.28 -12.77
CA GLY B 279 6.12 0.25 -11.58
C GLY B 279 6.16 1.76 -11.59
N GLU B 280 6.27 2.33 -10.40
CA GLU B 280 6.35 3.77 -10.19
C GLU B 280 7.72 4.10 -9.60
N TYR B 281 8.38 5.12 -10.15
CA TYR B 281 9.68 5.57 -9.64
C TYR B 281 9.63 7.04 -9.29
N TYR B 282 9.86 7.35 -8.01
CA TYR B 282 9.85 8.73 -7.55
C TYR B 282 8.56 9.43 -8.01
N CYS B 283 7.44 8.74 -7.87
CA CYS B 283 6.11 9.24 -8.21
C CYS B 283 5.91 9.53 -9.69
N PHE B 284 6.65 8.84 -10.55
CA PHE B 284 6.39 8.87 -11.99
C PHE B 284 5.93 7.50 -12.44
N ALA B 285 4.88 7.48 -13.25
CA ALA B 285 4.20 6.24 -13.63
C ALA B 285 4.85 5.49 -14.79
N SER B 286 4.48 4.23 -14.91
CA SER B 286 4.54 3.48 -16.16
C SER B 286 3.25 2.66 -16.25
N ASP B 287 2.85 2.29 -17.46
CA ASP B 287 1.57 1.61 -17.66
C ASP B 287 1.67 0.71 -18.89
N ILE B 288 1.90 -0.57 -18.67
CA ILE B 288 2.18 -1.50 -19.75
C ILE B 288 1.35 -2.77 -19.63
N THR B 289 0.80 -3.20 -20.75
CA THR B 289 0.09 -4.47 -20.81
C THR B 289 0.73 -5.37 -21.86
N CYS B 290 0.96 -6.61 -21.45
CA CYS B 290 1.40 -7.67 -22.33
C CYS B 290 0.36 -8.76 -22.33
N SER B 291 0.03 -9.26 -23.52
CA SER B 291 -0.84 -10.40 -23.66
C SER B 291 -0.12 -11.54 -24.34
N PHE B 292 -0.35 -12.75 -23.86
CA PHE B 292 0.36 -13.91 -24.35
C PHE B 292 -0.28 -15.21 -23.88
N PRO B 293 -0.08 -16.30 -24.62
CA PRO B 293 -0.55 -17.62 -24.21
C PRO B 293 0.22 -18.15 -23.01
N ALA B 294 -0.52 -18.69 -22.04
CA ALA B 294 0.07 -19.22 -20.82
C ALA B 294 1.09 -20.32 -21.12
N ASN B 295 0.81 -21.16 -22.11
CA ASN B 295 1.69 -22.28 -22.41
C ASN B 295 2.75 -21.95 -23.45
N GLY B 296 2.85 -20.68 -23.82
CA GLY B 296 3.90 -20.21 -24.69
C GLY B 296 3.68 -20.43 -26.18
N LYS B 297 2.53 -20.95 -26.56
CA LYS B 297 2.22 -21.20 -27.98
C LYS B 297 0.82 -20.70 -28.34
N PHE B 298 0.75 -19.69 -29.19
CA PHE B 298 -0.53 -19.20 -29.68
C PHE B 298 -1.26 -20.27 -30.47
N THR B 299 -2.53 -20.52 -30.13
CA THR B 299 -3.40 -21.28 -31.02
C THR B 299 -3.80 -20.41 -32.19
N ALA B 300 -4.49 -20.99 -33.18
CA ALA B 300 -4.94 -20.22 -34.33
C ALA B 300 -5.88 -19.10 -33.91
N ASP B 301 -6.86 -19.44 -33.08
CA ASP B 301 -7.81 -18.44 -32.58
C ASP B 301 -7.10 -17.34 -31.80
N GLN B 302 -6.15 -17.73 -30.95
CA GLN B 302 -5.44 -16.76 -30.14
C GLN B 302 -4.61 -15.85 -31.02
N LYS B 303 -3.95 -16.43 -32.01
CA LYS B 303 -3.13 -15.65 -32.93
C LYS B 303 -3.98 -14.61 -33.66
N ALA B 304 -5.15 -15.03 -34.13
CA ALA B 304 -6.04 -14.15 -34.87
C ALA B 304 -6.46 -12.95 -34.03
N VAL B 305 -6.94 -13.20 -32.83
CA VAL B 305 -7.36 -12.11 -31.95
C VAL B 305 -6.17 -11.23 -31.62
N TYR B 306 -5.05 -11.85 -31.24
CA TYR B 306 -3.89 -11.06 -30.84
C TYR B 306 -3.40 -10.15 -31.98
N GLU B 307 -3.27 -10.70 -33.18
CA GLU B 307 -2.74 -9.92 -34.30
C GLU B 307 -3.71 -8.81 -34.74
N ALA B 308 -5.00 -8.99 -34.44
CA ALA B 308 -5.96 -7.93 -34.70
C ALA B 308 -5.63 -6.71 -33.87
N VAL B 309 -5.36 -6.94 -32.58
CA VAL B 309 -4.99 -5.85 -31.69
C VAL B 309 -3.60 -5.30 -32.02
N LEU B 310 -2.69 -6.18 -32.42
CA LEU B 310 -1.37 -5.73 -32.84
C LEU B 310 -1.53 -4.77 -34.03
N ARG B 311 -2.44 -5.10 -34.94
CA ARG B 311 -2.69 -4.26 -36.10
C ARG B 311 -3.19 -2.87 -35.71
N SER B 312 -4.19 -2.80 -34.83
CA SER B 312 -4.71 -1.50 -34.42
C SER B 312 -3.66 -0.70 -33.64
N SER B 313 -2.93 -1.39 -32.79
CA SER B 313 -1.83 -0.77 -32.05
C SER B 313 -0.86 -0.03 -32.98
N ARG B 314 -0.38 -0.75 -33.97
CA ARG B 314 0.63 -0.21 -34.89
C ARG B 314 0.04 0.85 -35.82
N ALA B 315 -1.22 0.67 -36.18
CA ALA B 315 -1.89 1.64 -37.04
C ALA B 315 -2.07 2.95 -36.30
N VAL B 316 -2.48 2.89 -35.04
CA VAL B 316 -2.66 4.11 -34.28
C VAL B 316 -1.30 4.79 -34.08
N MET B 317 -0.30 4.03 -33.67
CA MET B 317 1.01 4.60 -33.43
C MET B 317 1.56 5.23 -34.72
N GLY B 318 1.31 4.56 -35.84
CA GLY B 318 1.75 5.07 -37.14
C GLY B 318 1.07 6.36 -37.57
N ALA B 319 -0.15 6.59 -37.06
CA ALA B 319 -0.93 7.75 -37.44
C ALA B 319 -0.75 8.93 -36.50
N MET B 320 -0.30 8.65 -35.28
CA MET B 320 -0.20 9.70 -34.26
C MET B 320 0.86 10.75 -34.58
N LYS B 321 0.45 12.01 -34.50
CA LYS B 321 1.32 13.14 -34.72
C LYS B 321 0.54 14.37 -34.31
N PRO B 322 1.23 15.50 -34.12
CA PRO B 322 0.51 16.72 -33.72
C PRO B 322 -0.65 17.06 -34.64
N GLY B 323 -1.77 17.46 -34.05
CA GLY B 323 -2.95 17.84 -34.81
C GLY B 323 -3.98 16.73 -34.93
N VAL B 324 -3.54 15.49 -34.73
CA VAL B 324 -4.47 14.36 -34.76
C VAL B 324 -5.45 14.43 -33.60
N TRP B 325 -6.72 14.19 -33.90
CA TRP B 325 -7.77 14.20 -32.89
C TRP B 325 -7.87 12.82 -32.25
N TRP B 326 -7.71 12.75 -30.94
CA TRP B 326 -7.57 11.44 -30.29
C TRP B 326 -8.79 10.55 -30.52
N PRO B 327 -10.02 11.10 -30.49
CA PRO B 327 -11.19 10.27 -30.83
C PRO B 327 -11.11 9.64 -32.22
N ASP B 328 -10.49 10.31 -33.19
CA ASP B 328 -10.30 9.71 -34.51
C ASP B 328 -9.42 8.46 -34.41
N MET B 329 -8.46 8.46 -33.49
CA MET B 329 -7.62 7.29 -33.31
C MET B 329 -8.40 6.15 -32.69
N HIS B 330 -9.29 6.48 -31.76
CA HIS B 330 -10.14 5.48 -31.16
C HIS B 330 -11.01 4.81 -32.25
N ARG B 331 -11.63 5.62 -33.10
CA ARG B 331 -12.47 5.10 -34.18
CA ARG B 331 -12.47 5.11 -34.19
C ARG B 331 -11.66 4.28 -35.19
N LEU B 332 -10.43 4.68 -35.45
CA LEU B 332 -9.54 3.91 -36.31
C LEU B 332 -9.35 2.51 -35.73
N ALA B 333 -9.05 2.44 -34.43
CA ALA B 333 -8.88 1.15 -33.79
C ALA B 333 -10.16 0.32 -33.88
N ASP B 334 -11.30 0.94 -33.61
CA ASP B 334 -12.60 0.27 -33.73
C ASP B 334 -12.75 -0.38 -35.12
N ARG B 335 -12.50 0.41 -36.15
CA ARG B 335 -12.70 -0.06 -37.51
C ARG B 335 -11.81 -1.27 -37.80
N ILE B 336 -10.56 -1.19 -37.34
CA ILE B 336 -9.60 -2.27 -37.59
C ILE B 336 -10.05 -3.53 -36.89
N HIS B 337 -10.48 -3.42 -35.62
CA HIS B 337 -10.94 -4.59 -34.90
C HIS B 337 -12.10 -5.27 -35.62
N LEU B 338 -13.04 -4.46 -36.09
CA LEU B 338 -14.21 -4.98 -36.79
C LEU B 338 -13.80 -5.68 -38.09
N GLU B 339 -12.90 -5.05 -38.84
CA GLU B 339 -12.38 -5.68 -40.06
C GLU B 339 -11.77 -7.04 -39.76
N GLU B 340 -10.97 -7.12 -38.70
CA GLU B 340 -10.30 -8.35 -38.37
C GLU B 340 -11.25 -9.41 -37.83
N LEU B 341 -12.21 -9.00 -37.01
CA LEU B 341 -13.19 -9.95 -36.49
C LEU B 341 -14.04 -10.49 -37.63
N ALA B 342 -14.25 -9.68 -38.64
CA ALA B 342 -14.98 -10.13 -39.84
C ALA B 342 -14.15 -11.17 -40.59
N HIS B 343 -12.86 -10.90 -40.77
CA HIS B 343 -11.97 -11.83 -41.44
C HIS B 343 -11.94 -13.17 -40.72
N MET B 344 -12.04 -13.13 -39.39
CA MET B 344 -12.07 -14.33 -38.58
C MET B 344 -13.36 -15.12 -38.67
N GLY B 345 -14.40 -14.49 -39.20
CA GLY B 345 -15.70 -15.13 -39.32
C GLY B 345 -16.61 -14.90 -38.13
N ILE B 346 -16.14 -14.14 -37.15
CA ILE B 346 -16.95 -13.79 -35.99
C ILE B 346 -18.04 -12.81 -36.44
N LEU B 347 -17.66 -11.92 -37.35
CA LEU B 347 -18.59 -10.94 -37.91
C LEU B 347 -18.83 -11.16 -39.40
N SER B 348 -19.97 -10.67 -39.88
CA SER B 348 -20.29 -10.67 -41.30
C SER B 348 -21.03 -9.40 -41.67
N GLY B 349 -20.75 -8.87 -42.86
CA GLY B 349 -21.49 -7.73 -43.38
C GLY B 349 -20.63 -6.51 -43.62
N SER B 350 -21.28 -5.36 -43.75
CA SER B 350 -20.59 -4.11 -44.05
C SER B 350 -19.94 -3.52 -42.81
N VAL B 351 -18.62 -3.37 -42.85
CA VAL B 351 -17.90 -2.78 -41.73
C VAL B 351 -18.37 -1.35 -41.52
N ASP B 352 -18.65 -0.64 -42.60
CA ASP B 352 -19.19 0.71 -42.50
C ASP B 352 -20.46 0.70 -41.64
N ALA B 353 -21.30 -0.30 -41.87
CA ALA B 353 -22.58 -0.39 -41.16
C ALA B 353 -22.35 -0.79 -39.71
N MET B 354 -21.36 -1.65 -39.49
CA MET B 354 -20.96 -2.03 -38.14
C MET B 354 -20.56 -0.81 -37.33
N VAL B 355 -19.74 0.05 -37.94
CA VAL B 355 -19.27 1.26 -37.27
C VAL B 355 -20.44 2.17 -36.93
N GLN B 356 -21.36 2.33 -37.88
CA GLN B 356 -22.54 3.15 -37.65
C GLN B 356 -23.35 2.64 -36.46
N ALA B 357 -23.33 1.33 -36.25
CA ALA B 357 -24.07 0.70 -35.15
C ALA B 357 -23.25 0.62 -33.85
N HIS B 358 -22.08 1.25 -33.83
CA HIS B 358 -21.19 1.25 -32.66
C HIS B 358 -20.78 -0.16 -32.22
N LEU B 359 -20.63 -1.08 -33.16
CA LEU B 359 -20.35 -2.45 -32.81
C LEU B 359 -18.93 -2.59 -32.20
N GLY B 360 -18.04 -1.66 -32.52
CA GLY B 360 -16.67 -1.72 -32.04
C GLY B 360 -16.62 -1.73 -30.52
N ALA B 361 -17.53 -0.97 -29.90
CA ALA B 361 -17.55 -0.79 -28.45
C ALA B 361 -17.97 -2.06 -27.70
N VAL B 362 -18.62 -2.98 -28.40
CA VAL B 362 -18.96 -4.28 -27.82
C VAL B 362 -17.69 -5.05 -27.47
N PHE B 363 -16.67 -4.89 -28.31
CA PHE B 363 -15.40 -5.63 -28.18
C PHE B 363 -14.31 -4.80 -27.49
N MET B 364 -14.44 -3.47 -27.52
CA MET B 364 -13.52 -2.58 -26.80
C MET B 364 -14.31 -1.50 -26.07
N PRO B 365 -14.86 -1.85 -24.89
CA PRO B 365 -15.70 -0.95 -24.08
C PRO B 365 -14.92 -0.01 -23.17
N HIS B 366 -13.76 0.44 -23.62
CA HIS B 366 -12.96 1.42 -22.91
C HIS B 366 -12.27 2.35 -23.89
N GLY B 367 -11.72 3.45 -23.40
CA GLY B 367 -11.05 4.40 -24.27
C GLY B 367 -9.74 3.84 -24.81
N LEU B 368 -9.32 4.32 -25.96
CA LEU B 368 -8.11 3.81 -26.62
C LEU B 368 -6.86 4.04 -25.77
N GLY B 369 -6.84 5.12 -25.01
CA GLY B 369 -5.70 5.47 -24.19
C GLY B 369 -5.85 6.81 -23.50
N HIS B 370 -4.92 7.12 -22.61
CA HIS B 370 -5.03 8.25 -21.70
C HIS B 370 -3.70 8.91 -21.44
N PHE B 371 -3.73 10.17 -21.04
CA PHE B 371 -2.54 10.86 -20.57
C PHE B 371 -1.91 10.09 -19.41
N LEU B 372 -0.58 10.08 -19.39
CA LEU B 372 0.17 9.44 -18.30
C LEU B 372 1.30 10.36 -17.83
N GLY B 373 1.57 10.35 -16.54
CA GLY B 373 2.64 11.16 -15.99
C GLY B 373 2.92 10.75 -14.57
N ILE B 374 2.78 11.69 -13.66
CA ILE B 374 2.92 11.41 -12.24
C ILE B 374 1.80 10.47 -11.77
N ASP B 375 0.62 10.58 -12.38
CA ASP B 375 -0.47 9.62 -12.18
C ASP B 375 -0.66 8.76 -13.43
N VAL B 376 -1.10 7.52 -13.25
CA VAL B 376 -1.32 6.63 -14.37
C VAL B 376 -2.43 7.20 -15.28
N HIS B 377 -3.52 7.68 -14.68
CA HIS B 377 -4.51 8.46 -15.42
C HIS B 377 -4.25 9.92 -15.13
N ASP B 378 -3.38 10.51 -15.95
CA ASP B 378 -2.88 11.84 -15.66
C ASP B 378 -3.95 12.92 -15.89
N VAL B 379 -3.73 14.07 -15.26
CA VAL B 379 -4.67 15.18 -15.34
C VAL B 379 -4.68 15.86 -16.71
N GLY B 380 -5.75 16.60 -16.98
CA GLY B 380 -5.80 17.50 -18.14
C GLY B 380 -6.49 16.95 -19.37
N GLY B 381 -7.14 15.81 -19.26
CA GLY B 381 -7.81 15.20 -20.40
C GLY B 381 -9.02 15.96 -20.89
N TYR B 382 -9.71 16.62 -19.97
CA TYR B 382 -10.93 17.35 -20.30
C TYR B 382 -10.93 18.74 -19.68
N PRO B 383 -10.09 19.64 -20.20
CA PRO B 383 -10.13 21.02 -19.74
C PRO B 383 -11.39 21.69 -20.27
N GLU B 384 -11.70 22.87 -19.77
CA GLU B 384 -12.87 23.61 -20.21
C GLU B 384 -12.80 23.81 -21.73
N GLY B 385 -13.89 23.49 -22.41
CA GLY B 385 -13.96 23.62 -23.86
C GLY B 385 -13.74 22.30 -24.58
N VAL B 386 -13.36 21.26 -23.83
CA VAL B 386 -13.18 19.92 -24.39
C VAL B 386 -14.28 19.03 -23.82
N GLU B 387 -15.17 18.56 -24.67
CA GLU B 387 -16.34 17.79 -24.24
CA GLU B 387 -16.34 17.80 -24.24
C GLU B 387 -16.18 16.29 -24.44
N ARG B 388 -16.79 15.54 -23.52
CA ARG B 388 -16.83 14.09 -23.60
C ARG B 388 -17.84 13.69 -24.68
N ILE B 389 -17.48 12.70 -25.49
CA ILE B 389 -18.35 12.24 -26.57
C ILE B 389 -19.32 11.16 -26.11
N ASP B 390 -20.60 11.44 -26.24
CA ASP B 390 -21.65 10.57 -25.74
C ASP B 390 -21.98 9.44 -26.71
N GLU B 391 -21.02 8.54 -26.90
CA GLU B 391 -21.22 7.35 -27.71
C GLU B 391 -20.55 6.17 -27.02
N PRO B 392 -21.04 4.94 -27.28
CA PRO B 392 -20.37 3.76 -26.73
C PRO B 392 -18.87 3.75 -27.04
N GLY B 393 -18.06 3.37 -26.06
CA GLY B 393 -16.61 3.34 -26.23
C GLY B 393 -15.98 4.71 -26.05
N LEU B 394 -16.32 5.63 -26.95
CA LEU B 394 -15.77 6.97 -26.91
C LEU B 394 -16.08 7.71 -25.61
N ARG B 395 -17.20 7.38 -24.96
CA ARG B 395 -17.55 8.09 -23.73
C ARG B 395 -16.59 7.72 -22.60
N SER B 396 -15.89 6.60 -22.76
CA SER B 396 -14.90 6.15 -21.78
C SER B 396 -13.49 6.70 -22.06
N LEU B 397 -13.34 7.42 -23.17
CA LEU B 397 -12.08 8.12 -23.43
C LEU B 397 -11.77 9.11 -22.32
N ARG B 398 -10.54 9.08 -21.83
CA ARG B 398 -10.13 9.95 -20.75
C ARG B 398 -9.61 11.29 -21.27
N THR B 399 -9.58 11.45 -22.60
CA THR B 399 -9.36 12.76 -23.20
C THR B 399 -9.94 12.78 -24.62
N ALA B 400 -10.43 13.95 -25.03
CA ALA B 400 -10.91 14.16 -26.40
C ALA B 400 -10.11 15.26 -27.07
N ARG B 401 -8.88 15.47 -26.59
CA ARG B 401 -8.04 16.53 -27.10
C ARG B 401 -7.36 16.14 -28.40
N HIS B 402 -6.82 17.14 -29.10
CA HIS B 402 -5.92 16.92 -30.22
C HIS B 402 -4.50 16.76 -29.69
N LEU B 403 -3.70 15.94 -30.37
CA LEU B 403 -2.34 15.68 -29.92
C LEU B 403 -1.40 16.86 -30.16
N GLN B 404 -0.54 17.13 -29.19
CA GLN B 404 0.51 18.14 -29.32
C GLN B 404 1.83 17.59 -28.79
N PRO B 405 2.96 18.13 -29.29
CA PRO B 405 4.25 17.63 -28.80
C PRO B 405 4.42 17.75 -27.28
N GLY B 406 4.95 16.72 -26.65
CA GLY B 406 5.19 16.73 -25.22
C GLY B 406 4.14 15.96 -24.43
N MET B 407 2.99 15.71 -25.05
CA MET B 407 1.98 14.87 -24.41
C MET B 407 2.48 13.44 -24.32
N VAL B 408 2.15 12.78 -23.21
CA VAL B 408 2.47 11.38 -23.03
C VAL B 408 1.16 10.63 -22.93
N LEU B 409 1.00 9.62 -23.77
N LEU B 409 0.99 9.65 -23.82
CA LEU B 409 -0.25 8.88 -23.84
CA LEU B 409 -0.23 8.88 -23.95
C LEU B 409 0.00 7.39 -23.87
C LEU B 409 0.03 7.38 -23.82
N THR B 410 -0.96 6.65 -23.34
CA THR B 410 -0.98 5.22 -23.51
C THR B 410 -1.69 4.93 -24.84
N VAL B 411 -1.30 3.82 -25.46
CA VAL B 411 -1.96 3.31 -26.63
C VAL B 411 -2.32 1.88 -26.29
N GLU B 412 -3.58 1.66 -25.98
CA GLU B 412 -3.98 0.37 -25.42
C GLU B 412 -5.26 -0.17 -26.00
N PRO B 413 -5.26 -0.42 -27.31
CA PRO B 413 -6.39 -1.12 -27.89
C PRO B 413 -6.53 -2.51 -27.31
N GLY B 414 -7.75 -3.01 -27.32
CA GLY B 414 -7.99 -4.38 -26.94
C GLY B 414 -9.25 -4.96 -27.55
N ILE B 415 -9.32 -6.27 -27.54
CA ILE B 415 -10.51 -7.03 -27.94
C ILE B 415 -10.85 -8.03 -26.83
N TYR B 416 -12.08 -7.96 -26.35
CA TYR B 416 -12.54 -8.84 -25.28
C TYR B 416 -13.89 -9.48 -25.62
N PHE B 417 -14.13 -10.64 -25.04
CA PHE B 417 -15.41 -11.32 -25.17
C PHE B 417 -16.13 -11.28 -23.82
N ILE B 418 -16.90 -10.22 -23.66
CA ILE B 418 -17.60 -9.90 -22.42
C ILE B 418 -19.07 -10.25 -22.55
N ASP B 419 -19.51 -11.22 -21.77
CA ASP B 419 -20.82 -11.83 -21.98
C ASP B 419 -21.98 -10.85 -21.99
N HIS B 420 -22.07 -9.93 -21.05
CA HIS B 420 -23.25 -9.08 -20.98
CA HIS B 420 -23.25 -9.07 -20.97
C HIS B 420 -23.25 -8.08 -22.15
N LEU B 421 -22.07 -7.72 -22.63
CA LEU B 421 -22.00 -6.82 -23.79
C LEU B 421 -22.38 -7.58 -25.08
N LEU B 422 -21.91 -8.81 -25.20
CA LEU B 422 -22.26 -9.63 -26.36
C LEU B 422 -23.76 -9.95 -26.37
N ASP B 423 -24.30 -10.23 -25.18
CA ASP B 423 -25.72 -10.58 -25.06
C ASP B 423 -26.59 -9.38 -25.43
N GLU B 424 -26.18 -8.18 -25.00
CA GLU B 424 -26.88 -6.96 -25.37
C GLU B 424 -26.90 -6.80 -26.89
N ALA B 425 -25.76 -7.03 -27.53
CA ALA B 425 -25.65 -6.87 -28.97
C ALA B 425 -26.52 -7.88 -29.71
N LEU B 426 -26.52 -9.12 -29.24
CA LEU B 426 -27.29 -10.17 -29.88
C LEU B 426 -28.80 -9.93 -29.78
N ALA B 427 -29.22 -9.15 -28.77
CA ALA B 427 -30.62 -8.84 -28.55
C ALA B 427 -31.07 -7.66 -29.41
N ASP B 428 -30.10 -6.85 -29.83
CA ASP B 428 -30.35 -5.66 -30.63
C ASP B 428 -30.31 -6.00 -32.14
N PRO B 429 -31.46 -5.92 -32.84
CA PRO B 429 -31.46 -6.28 -34.27
C PRO B 429 -30.46 -5.48 -35.10
N ALA B 430 -30.20 -4.24 -34.72
CA ALA B 430 -29.26 -3.40 -35.45
C ALA B 430 -27.79 -3.86 -35.35
N ARG B 431 -27.50 -4.77 -34.41
CA ARG B 431 -26.14 -5.27 -34.22
C ARG B 431 -26.06 -6.78 -34.38
N ALA B 432 -27.14 -7.46 -34.00
CA ALA B 432 -27.14 -8.92 -33.99
C ALA B 432 -26.87 -9.52 -35.37
N SER B 433 -27.29 -8.81 -36.40
CA SER B 433 -27.19 -9.32 -37.77
C SER B 433 -25.73 -9.45 -38.21
N PHE B 434 -24.85 -8.69 -37.57
CA PHE B 434 -23.44 -8.73 -37.89
C PHE B 434 -22.72 -9.90 -37.22
N LEU B 435 -23.30 -10.39 -36.14
CA LEU B 435 -22.65 -11.42 -35.32
C LEU B 435 -23.00 -12.81 -35.80
N ASN B 436 -21.96 -13.63 -36.02
CA ASN B 436 -22.16 -15.03 -36.37
C ASN B 436 -22.12 -15.89 -35.12
N ARG B 437 -23.30 -16.22 -34.62
CA ARG B 437 -23.44 -16.86 -33.31
C ARG B 437 -22.65 -18.15 -33.21
N GLU B 438 -22.62 -18.94 -34.28
CA GLU B 438 -21.99 -20.25 -34.24
C GLU B 438 -20.47 -20.13 -34.07
N VAL B 439 -19.90 -19.05 -34.59
CA VAL B 439 -18.47 -18.80 -34.47
C VAL B 439 -18.16 -18.15 -33.12
N LEU B 440 -18.93 -17.12 -32.78
CA LEU B 440 -18.74 -16.39 -31.54
C LEU B 440 -18.78 -17.32 -30.33
N GLN B 441 -19.66 -18.32 -30.38
CA GLN B 441 -19.84 -19.26 -29.28
C GLN B 441 -18.51 -19.89 -28.86
N ARG B 442 -17.64 -20.10 -29.84
CA ARG B 442 -16.32 -20.70 -29.60
C ARG B 442 -15.43 -19.76 -28.77
N PHE B 443 -15.74 -18.48 -28.81
CA PHE B 443 -14.91 -17.47 -28.14
C PHE B 443 -15.50 -17.00 -26.80
N ARG B 444 -16.65 -17.56 -26.40
CA ARG B 444 -17.14 -17.32 -25.04
C ARG B 444 -16.12 -17.88 -24.07
N GLY B 445 -15.69 -17.06 -23.12
CA GLY B 445 -14.72 -17.50 -22.13
C GLY B 445 -13.27 -17.39 -22.58
N PHE B 446 -13.07 -16.87 -23.78
CA PHE B 446 -11.73 -16.62 -24.32
C PHE B 446 -10.98 -15.63 -23.45
N GLY B 447 -11.71 -14.65 -22.92
CA GLY B 447 -11.12 -13.54 -22.21
C GLY B 447 -10.89 -12.37 -23.15
N GLY B 448 -9.64 -11.96 -23.29
CA GLY B 448 -9.33 -10.84 -24.14
C GLY B 448 -7.84 -10.60 -24.31
N VAL B 449 -7.55 -9.67 -25.20
CA VAL B 449 -6.20 -9.23 -25.50
C VAL B 449 -6.13 -7.72 -25.43
N ARG B 450 -5.16 -7.21 -24.70
CA ARG B 450 -4.83 -5.80 -24.70
C ARG B 450 -3.32 -5.62 -24.88
N ILE B 451 -2.95 -4.73 -25.80
CA ILE B 451 -1.56 -4.39 -26.07
C ILE B 451 -1.41 -2.92 -25.74
N GLU B 452 -0.65 -2.62 -24.70
CA GLU B 452 -0.58 -1.28 -24.17
C GLU B 452 0.85 -0.77 -24.13
N GLU B 453 1.09 0.28 -24.91
CA GLU B 453 2.37 0.97 -25.05
C GLU B 453 2.25 2.35 -24.43
N ASP B 454 3.35 2.88 -23.92
CA ASP B 454 3.46 4.29 -23.55
C ASP B 454 4.28 5.03 -24.59
N VAL B 455 3.75 6.17 -25.05
CA VAL B 455 4.39 6.95 -26.09
C VAL B 455 4.37 8.43 -25.77
N VAL B 456 5.29 9.16 -26.39
CA VAL B 456 5.38 10.61 -26.29
C VAL B 456 5.13 11.20 -27.66
N VAL B 457 4.32 12.25 -27.73
CA VAL B 457 4.09 12.94 -29.00
C VAL B 457 5.28 13.85 -29.30
N THR B 458 5.81 13.74 -30.51
CA THR B 458 6.95 14.56 -30.93
C THR B 458 6.48 15.57 -31.98
N ASP B 459 7.42 16.35 -32.49
CA ASP B 459 7.08 17.33 -33.53
C ASP B 459 6.53 16.66 -34.79
N SER B 460 7.03 15.47 -35.09
CA SER B 460 6.75 14.81 -36.36
C SER B 460 5.95 13.51 -36.22
N GLY B 461 5.78 13.05 -34.98
CA GLY B 461 5.11 11.78 -34.75
C GLY B 461 5.10 11.42 -33.27
N ILE B 462 5.62 10.24 -32.96
CA ILE B 462 5.76 9.81 -31.57
C ILE B 462 7.10 9.14 -31.28
N GLU B 463 7.44 9.08 -30.00
CA GLU B 463 8.51 8.24 -29.50
C GLU B 463 7.90 7.14 -28.64
N LEU B 464 8.22 5.89 -28.95
CA LEU B 464 7.75 4.75 -28.18
C LEU B 464 8.66 4.55 -26.96
N LEU B 465 8.07 4.54 -25.76
CA LEU B 465 8.84 4.37 -24.53
C LEU B 465 8.99 2.91 -24.13
N THR B 466 7.96 2.12 -24.46
CA THR B 466 7.91 0.74 -24.05
C THR B 466 8.77 -0.16 -24.95
N CYS B 467 9.32 -1.22 -24.37
CA CYS B 467 10.15 -2.16 -25.13
CA CYS B 467 10.16 -2.14 -25.12
C CYS B 467 9.96 -3.59 -24.67
N VAL B 468 8.86 -4.19 -25.10
CA VAL B 468 8.54 -5.58 -24.81
C VAL B 468 8.32 -6.32 -26.13
N PRO B 469 8.44 -7.66 -26.11
CA PRO B 469 8.13 -8.43 -27.32
C PRO B 469 6.67 -8.29 -27.72
N ARG B 470 6.40 -8.12 -29.02
CA ARG B 470 5.03 -7.85 -29.47
C ARG B 470 4.52 -8.77 -30.58
N THR B 471 5.35 -9.16 -31.54
CA THR B 471 4.88 -10.09 -32.55
C THR B 471 4.74 -11.46 -31.93
N VAL B 472 3.92 -12.30 -32.55
CA VAL B 472 3.71 -13.65 -32.09
C VAL B 472 5.05 -14.37 -31.95
N GLU B 473 5.92 -14.19 -32.94
CA GLU B 473 7.20 -14.88 -32.95
C GLU B 473 8.07 -14.40 -31.80
N GLU B 474 8.12 -13.08 -31.61
CA GLU B 474 8.90 -12.49 -30.51
C GLU B 474 8.43 -13.01 -29.15
N ILE B 475 7.12 -13.11 -28.98
CA ILE B 475 6.55 -13.52 -27.72
C ILE B 475 6.86 -14.99 -27.46
N GLU B 476 6.67 -15.83 -28.47
CA GLU B 476 6.93 -17.25 -28.29
C GLU B 476 8.43 -17.49 -28.05
N ALA B 477 9.28 -16.69 -28.69
CA ALA B 477 10.72 -16.81 -28.49
C ALA B 477 11.11 -16.42 -27.07
N CYS B 478 10.53 -15.32 -26.58
CA CYS B 478 10.83 -14.83 -25.25
C CYS B 478 10.41 -15.84 -24.19
N MET B 479 9.23 -16.42 -24.35
CA MET B 479 8.70 -17.33 -23.36
C MET B 479 9.45 -18.65 -23.34
N ALA B 480 10.08 -18.98 -24.46
CA ALA B 480 10.87 -20.20 -24.55
C ALA B 480 12.29 -19.97 -24.03
N GLY B 481 12.57 -18.75 -23.58
CA GLY B 481 13.89 -18.40 -23.09
C GLY B 481 14.28 -19.18 -21.85
N CYS B 482 15.55 -19.58 -21.78
CA CYS B 482 16.06 -20.39 -20.67
C CYS B 482 16.70 -19.52 -19.60
N ASP B 483 17.55 -18.59 -20.01
CA ASP B 483 18.29 -17.75 -19.08
C ASP B 483 17.36 -16.84 -18.30
MN MN C . 6.56 -5.65 17.74
MN MN D . 8.49 -5.67 15.03
C1 GOL E . -27.65 3.27 3.38
O1 GOL E . -27.71 1.92 2.97
C2 GOL E . -26.20 3.70 3.55
O2 GOL E . -25.36 2.92 2.74
C3 GOL E . -26.01 5.17 3.21
O3 GOL E . -26.38 5.96 4.32
H11 GOL E . -28.20 3.39 4.32
H12 GOL E . -28.14 3.91 2.63
HO1 GOL E . -28.64 1.63 2.92
H2 GOL E . -25.93 3.56 4.60
HO2 GOL E . -25.58 3.08 1.80
H31 GOL E . -26.65 5.43 2.36
H32 GOL E . -24.98 5.36 2.95
HO3 GOL E . -26.00 6.85 4.22
C1 GOL F . -14.65 1.86 9.15
O1 GOL F . -14.53 2.56 7.94
C2 GOL F . -15.58 2.63 10.07
O2 GOL F . -16.45 3.42 9.30
C3 GOL F . -16.37 1.67 10.97
O3 GOL F . -17.49 2.33 11.50
H11 GOL F . -13.67 1.75 9.61
H12 GOL F . -15.06 0.86 8.96
HO1 GOL F . -13.89 2.10 7.35
H2 GOL F . -14.97 3.27 10.71
HO2 GOL F . -17.00 2.84 8.74
H31 GOL F . -15.72 1.32 11.77
H32 GOL F . -16.68 0.81 10.39
HO3 GOL F . -17.31 3.29 11.58
C1 GOL G . -9.45 -16.18 -1.72
O1 GOL G . -9.44 -15.23 -2.76
C2 GOL G . -10.64 -17.12 -1.89
O2 GOL G . -10.45 -18.26 -1.08
C3 GOL G . -11.90 -16.43 -1.44
O3 GOL G . -12.99 -17.33 -1.58
H11 GOL G . -9.51 -15.68 -0.76
H12 GOL G . -8.52 -16.76 -1.75
HO1 GOL G . -8.71 -14.59 -2.60
H2 GOL G . -10.72 -17.40 -2.94
HO2 GOL G . -10.39 -17.98 -0.14
H31 GOL G . -12.09 -15.55 -2.06
H32 GOL G . -11.81 -16.11 -0.41
HO3 GOL G . -13.57 -17.25 -0.79
N LEU H . 7.09 -3.94 13.76
CA LEU H . 6.81 -2.81 14.70
C LEU H . 6.88 -3.30 16.14
O LEU H . 7.72 -4.13 16.52
CB LEU H . 5.43 -2.19 14.42
CG LEU H . 5.20 -1.27 13.22
CD1 LEU H . 3.75 -0.75 13.26
CD2 LEU H . 6.18 -0.11 13.20
OXT LEU H . 6.09 -2.85 16.96
H1 LEU H . 6.41 -4.01 13.19
H2 LEU H . 7.85 -3.78 13.32
H3 LEU H . 7.17 -4.69 14.23
HA LEU H . 7.49 -2.12 14.57
HB2 LEU H . 4.80 -2.91 14.34
HB3 LEU H . 5.20 -1.67 15.21
HG LEU H . 5.32 -1.78 12.41
HD11 LEU H . 3.61 -0.16 12.50
HD12 LEU H . 3.15 -1.49 13.23
HD13 LEU H . 3.63 -0.25 14.08
HD21 LEU H . 6.00 0.44 12.43
HD22 LEU H . 6.06 0.41 14.02
HD23 LEU H . 7.08 -0.47 13.15
N PRO I . 8.55 -1.80 17.98
CA PRO I . 7.95 -1.96 19.31
C PRO I . 6.81 -0.98 19.59
O PRO I . 6.16 -1.05 20.63
CB PRO I . 9.13 -1.69 20.26
CG PRO I . 10.23 -1.13 19.41
CD PRO I . 10.01 -1.65 18.04
OXT PRO I . 6.51 -0.11 18.77
HA PRO I . 7.63 -2.86 19.43
HB2 PRO I . 8.86 -1.06 20.93
HB3 PRO I . 9.40 -2.53 20.67
HG2 PRO I . 10.18 -0.17 19.42
HG3 PRO I . 11.08 -1.43 19.74
HD2 PRO I . 10.31 -1.00 17.38
HD3 PRO I . 10.44 -2.51 17.92
MN MN J . -3.58 2.59 -19.34
MN MN K . -2.74 -0.40 -18.09
N LEU L . -3.53 0.06 -15.87
CA LEU L . -4.81 0.79 -15.98
C LEU L . -4.94 1.46 -17.35
O LEU L . -4.38 1.04 -18.39
CB LEU L . -4.92 1.82 -14.84
CG LEU L . -6.02 1.64 -13.78
CD1 LEU L . -5.98 0.28 -13.13
CD2 LEU L . -5.90 2.72 -12.71
OXT LEU L . -5.64 2.47 -17.43
H1 LEU L . -3.60 -0.56 -15.23
H2 LEU L . -3.35 -0.33 -16.64
H3 LEU L . -2.88 0.63 -15.66
HA LEU L . -5.54 0.16 -15.89
HB2 LEU L . -4.08 1.82 -14.36
HB3 LEU L . -5.06 2.69 -15.24
HG LEU L . -6.88 1.75 -14.21
HD11 LEU L . -6.68 0.21 -12.48
HD12 LEU L . -6.10 -0.40 -13.82
HD13 LEU L . -5.11 0.16 -12.70
HD21 LEU L . -6.60 2.59 -12.05
HD22 LEU L . -5.03 2.64 -12.28
HD23 LEU L . -5.99 3.60 -13.12
N PRO M . -7.32 0.54 -18.65
CA PRO M . -7.69 1.67 -19.53
C PRO M . -8.48 2.76 -18.81
O PRO M . -8.80 2.65 -17.62
CB PRO M . -8.54 1.00 -20.61
CG PRO M . -8.90 -0.33 -20.09
CD PRO M . -7.82 -0.74 -19.17
OXT PRO M . -8.81 3.78 -19.40
HA PRO M . -6.89 2.07 -19.93
HB2 PRO M . -9.33 1.54 -20.78
HB3 PRO M . -8.01 0.92 -21.43
HG2 PRO M . -9.75 -0.26 -19.61
HG3 PRO M . -8.99 -0.95 -20.83
HD2 PRO M . -8.17 -1.27 -18.45
HD3 PRO M . -7.12 -1.20 -19.65
#